data_6THC
#
_entry.id   6THC
#
_cell.length_a   76.010
_cell.length_b   77.371
_cell.length_c   144.351
_cell.angle_alpha   90.000
_cell.angle_beta   90.000
_cell.angle_gamma   90.000
#
_symmetry.space_group_name_H-M   'P 21 21 21'
#
loop_
_entity.id
_entity.type
_entity.pdbx_description
1 polymer 'Coenzyme A biosynthesis bifunctional protein CoaBC'
2 non-polymer "CYTIDINE-5'-TRIPHOSPHATE"
3 non-polymer 'CALCIUM ION'
4 non-polymer (4-hydroxyphenyl)-[2,3,4-tris(oxidanyl)phenyl]methanone
5 non-polymer 'ACETATE ION'
6 water water
#
_entity_poly.entity_id   1
_entity_poly.type   'polypeptide(L)'
_entity_poly.pdbx_seq_one_letter_code
;MAHHHHHHDMAGVKALVTAGGTREPLDPVRFIGNRSSGKQGYAVARVLAQRGADVTLIAGNTAGLIDPAGVEMVHIGSAT
QLRDAVSKHAPDANVLVMAAAVADFRPAHVAAAKIKKGASEPSSIDLVRNDDVLAGAVRARADGQLPNMRAIVGFAAETG
DANGDVLFHARAKLERKGCDLLVVNAVGENRAFEVDHNDGWLLSADGTESALEHGSKTLMATRIVDSIAAFLKSQDG
;
_entity_poly.pdbx_strand_id   A,B,C,D
#
# COMPACT_ATOMS: atom_id res chain seq x y z
N HIS A 7 -36.27 0.61 17.58
CA HIS A 7 -35.78 0.04 18.82
C HIS A 7 -34.29 -0.25 18.70
N HIS A 8 -33.74 -1.02 19.64
CA HIS A 8 -32.34 -1.42 19.57
C HIS A 8 -32.23 -2.93 19.41
N ASP A 9 -32.74 -3.45 18.29
CA ASP A 9 -32.77 -4.86 17.95
C ASP A 9 -31.43 -5.39 17.39
N MET A 10 -30.35 -4.64 17.58
CA MET A 10 -29.03 -5.07 17.11
C MET A 10 -27.99 -4.95 18.21
N ALA A 11 -28.43 -4.89 19.46
CA ALA A 11 -27.50 -4.75 20.58
C ALA A 11 -26.64 -6.00 20.72
N GLY A 12 -25.33 -5.79 20.89
CA GLY A 12 -24.39 -6.88 21.01
C GLY A 12 -23.82 -7.37 19.70
N VAL A 13 -24.49 -7.12 18.58
CA VAL A 13 -24.05 -7.62 17.28
C VAL A 13 -22.92 -6.75 16.76
N LYS A 14 -21.80 -7.38 16.43
CA LYS A 14 -20.67 -6.68 15.83
C LYS A 14 -20.80 -6.79 14.32
N ALA A 15 -20.85 -5.64 13.65
CA ALA A 15 -21.06 -5.56 12.21
C ALA A 15 -19.82 -5.01 11.56
N LEU A 16 -19.43 -5.63 10.45
CA LEU A 16 -18.32 -5.22 9.63
C LEU A 16 -18.89 -4.85 8.26
N VAL A 17 -18.75 -3.60 7.87
CA VAL A 17 -19.35 -3.11 6.63
C VAL A 17 -18.25 -2.57 5.74
N THR A 18 -18.34 -2.88 4.45
CA THR A 18 -17.44 -2.29 3.47
C THR A 18 -18.25 -1.37 2.58
N ALA A 19 -17.67 -0.24 2.20
CA ALA A 19 -18.43 0.70 1.37
C ALA A 19 -17.50 1.48 0.45
N GLY A 20 -18.06 1.96 -0.67
CA GLY A 20 -17.32 2.75 -1.62
C GLY A 20 -16.61 1.91 -2.65
N GLY A 21 -15.97 2.59 -3.59
CA GLY A 21 -15.21 1.95 -4.64
C GLY A 21 -13.74 1.90 -4.27
N THR A 22 -13.06 0.89 -4.78
CA THR A 22 -11.61 0.83 -4.62
C THR A 22 -10.94 1.55 -5.78
N ARG A 23 -9.68 1.89 -5.59
CA ARG A 23 -8.86 2.56 -6.63
C ARG A 23 -7.59 1.76 -6.77
N GLU A 24 -7.27 1.37 -8.00
CA GLU A 24 -6.13 0.51 -8.24
C GLU A 24 -5.02 1.34 -8.86
N PRO A 25 -3.98 1.69 -8.10
CA PRO A 25 -3.02 2.67 -8.60
C PRO A 25 -2.21 2.18 -9.79
N LEU A 26 -1.89 3.14 -10.66
CA LEU A 26 -0.87 2.98 -11.70
C LEU A 26 0.43 3.65 -11.32
N ASP A 27 0.35 4.74 -10.57
CA ASP A 27 1.51 5.48 -10.09
C ASP A 27 0.97 6.33 -8.94
N PRO A 28 1.73 7.25 -8.35
CA PRO A 28 1.17 7.99 -7.20
C PRO A 28 -0.08 8.79 -7.54
N VAL A 29 -0.28 9.16 -8.80
CA VAL A 29 -1.31 10.13 -9.16
C VAL A 29 -2.49 9.52 -9.93
N ARG A 30 -2.28 8.43 -10.67
CA ARG A 30 -3.29 7.82 -11.51
C ARG A 30 -3.71 6.45 -10.99
N PHE A 31 -4.97 6.09 -11.25
CA PHE A 31 -5.56 4.86 -10.77
C PHE A 31 -6.67 4.43 -11.71
N ILE A 32 -7.04 3.16 -11.61
CA ILE A 32 -8.30 2.68 -12.16
C ILE A 32 -9.35 2.71 -11.05
N GLY A 33 -10.50 3.33 -11.33
CA GLY A 33 -11.54 3.47 -10.32
C GLY A 33 -12.91 3.20 -10.91
N ASN A 34 -13.93 3.35 -10.06
CA ASN A 34 -15.30 3.17 -10.51
C ASN A 34 -16.15 4.28 -9.90
N ARG A 35 -17.41 4.31 -10.31
CA ARG A 35 -18.30 5.44 -10.07
C ARG A 35 -19.15 5.29 -8.84
N SER A 36 -18.93 4.26 -8.01
CA SER A 36 -19.78 4.07 -6.85
C SER A 36 -19.54 5.15 -5.79
N SER A 37 -20.63 5.60 -5.15
CA SER A 37 -20.54 6.70 -4.21
C SER A 37 -20.31 6.22 -2.78
N GLY A 38 -20.59 4.94 -2.50
CA GLY A 38 -20.53 4.44 -1.15
C GLY A 38 -21.69 4.83 -0.27
N LYS A 39 -22.63 5.62 -0.78
CA LYS A 39 -23.71 6.13 0.05
C LYS A 39 -24.55 5.00 0.62
N GLN A 40 -24.81 3.95 -0.17
CA GLN A 40 -25.69 2.90 0.33
C GLN A 40 -25.04 2.12 1.46
N GLY A 41 -23.74 1.86 1.37
CA GLY A 41 -23.05 1.17 2.46
C GLY A 41 -22.99 2.00 3.73
N TYR A 42 -22.66 3.28 3.60
CA TYR A 42 -22.69 4.18 4.75
C TYR A 42 -24.06 4.16 5.43
N ALA A 43 -25.13 4.22 4.62
CA ALA A 43 -26.48 4.21 5.17
C ALA A 43 -26.74 2.95 5.97
N VAL A 44 -26.32 1.79 5.45
CA VAL A 44 -26.47 0.56 6.22
C VAL A 44 -25.67 0.60 7.50
N ALA A 45 -24.42 1.09 7.44
CA ALA A 45 -23.61 1.22 8.66
C ALA A 45 -24.30 2.14 9.67
N ARG A 46 -24.80 3.29 9.22
CA ARG A 46 -25.48 4.22 10.11
C ARG A 46 -26.72 3.58 10.75
N VAL A 47 -27.52 2.89 9.94
CA VAL A 47 -28.74 2.27 10.46
C VAL A 47 -28.40 1.13 11.40
N LEU A 48 -27.34 0.37 11.10
CA LEU A 48 -26.89 -0.65 12.04
C LEU A 48 -26.48 -0.03 13.37
N ALA A 49 -25.68 1.04 13.32
CA ALA A 49 -25.20 1.67 14.54
C ALA A 49 -26.35 2.26 15.33
N GLN A 50 -27.29 2.92 14.63
CA GLN A 50 -28.44 3.51 15.31
C GLN A 50 -29.25 2.45 16.03
N ARG A 51 -29.36 1.25 15.46
CA ARG A 51 -30.14 0.19 16.06
C ARG A 51 -29.34 -0.68 17.03
N GLY A 52 -28.17 -0.20 17.47
CA GLY A 52 -27.48 -0.78 18.61
C GLY A 52 -26.26 -1.63 18.31
N ALA A 53 -25.78 -1.67 17.08
CA ALA A 53 -24.67 -2.55 16.75
C ALA A 53 -23.34 -1.82 16.93
N ASP A 54 -22.30 -2.60 17.13
CA ASP A 54 -20.93 -2.09 17.16
C ASP A 54 -20.39 -2.24 15.75
N VAL A 55 -20.27 -1.13 15.05
CA VAL A 55 -20.04 -1.14 13.61
C VAL A 55 -18.62 -0.72 13.33
N THR A 56 -17.96 -1.49 12.49
CA THR A 56 -16.72 -1.10 11.84
C THR A 56 -17.01 -0.93 10.36
N LEU A 57 -16.65 0.23 9.81
CA LEU A 57 -16.87 0.55 8.40
C LEU A 57 -15.53 0.66 7.69
N ILE A 58 -15.32 -0.22 6.71
CA ILE A 58 -14.15 -0.18 5.86
C ILE A 58 -14.56 0.57 4.60
N ALA A 59 -14.01 1.75 4.40
CA ALA A 59 -14.47 2.61 3.30
C ALA A 59 -13.35 2.94 2.32
N GLY A 60 -13.66 2.82 1.03
CA GLY A 60 -12.73 3.15 -0.06
C GLY A 60 -13.01 4.56 -0.55
N ASN A 61 -13.20 4.72 -1.86
CA ASN A 61 -13.46 6.03 -2.49
C ASN A 61 -14.93 6.42 -2.28
N THR A 62 -15.21 7.60 -1.78
CA THR A 62 -16.62 8.00 -1.53
C THR A 62 -16.93 9.41 -2.06
N ALA A 63 -18.21 9.68 -2.32
CA ALA A 63 -18.60 11.03 -2.78
C ALA A 63 -18.48 12.01 -1.59
N GLY A 64 -17.25 12.30 -1.15
CA GLY A 64 -16.96 13.18 0.01
C GLY A 64 -17.89 12.87 1.17
N LEU A 65 -18.04 11.62 1.58
CA LEU A 65 -19.02 11.31 2.66
C LEU A 65 -18.41 11.57 4.03
N ILE A 66 -19.26 11.76 5.03
CA ILE A 66 -18.75 12.06 6.39
C ILE A 66 -18.81 10.77 7.20
N ASP A 67 -17.74 10.55 7.96
CA ASP A 67 -17.63 9.37 8.86
C ASP A 67 -18.90 9.34 9.70
N PRO A 68 -19.73 8.29 9.66
CA PRO A 68 -20.91 8.24 10.49
C PRO A 68 -20.60 8.20 11.99
N ALA A 69 -21.55 8.67 12.78
CA ALA A 69 -21.39 8.82 14.24
C ALA A 69 -21.41 7.47 14.97
N GLY A 70 -20.41 7.26 15.81
CA GLY A 70 -20.35 6.03 16.62
C GLY A 70 -20.05 4.82 15.76
N VAL A 71 -19.20 4.97 14.77
CA VAL A 71 -18.82 3.82 13.91
C VAL A 71 -17.30 3.84 13.79
N GLU A 72 -16.65 2.72 14.05
CA GLU A 72 -15.18 2.67 13.89
C GLU A 72 -14.93 2.70 12.38
N MET A 73 -14.05 3.59 11.93
CA MET A 73 -13.76 3.81 10.51
C MET A 73 -12.41 3.22 10.17
N VAL A 74 -12.36 2.38 9.14
CA VAL A 74 -11.11 1.96 8.51
C VAL A 74 -11.15 2.45 7.07
N HIS A 75 -10.10 3.17 6.67
CA HIS A 75 -10.02 3.70 5.31
C HIS A 75 -9.06 2.84 4.50
N ILE A 76 -9.38 2.64 3.22
CA ILE A 76 -8.52 1.85 2.34
C ILE A 76 -8.50 2.48 0.96
N GLY A 77 -7.51 2.08 0.17
CA GLY A 77 -7.43 2.52 -1.21
C GLY A 77 -7.81 1.42 -2.19
N SER A 78 -6.99 0.38 -2.29
CA SER A 78 -7.14 -0.61 -3.35
C SER A 78 -7.94 -1.82 -2.86
N ALA A 79 -8.28 -2.68 -3.83
CA ALA A 79 -8.92 -3.97 -3.52
C ALA A 79 -8.07 -4.83 -2.59
N THR A 80 -6.75 -4.85 -2.80
CA THR A 80 -5.90 -5.68 -1.93
C THR A 80 -5.90 -5.16 -0.50
N GLN A 81 -5.92 -3.83 -0.32
CA GLN A 81 -5.98 -3.28 1.01
C GLN A 81 -7.33 -3.53 1.66
N LEU A 82 -8.40 -3.52 0.87
CA LEU A 82 -9.71 -3.90 1.39
C LEU A 82 -9.73 -5.36 1.82
N ARG A 83 -9.14 -6.26 1.03
CA ARG A 83 -9.07 -7.65 1.44
C ARG A 83 -8.31 -7.79 2.76
N ASP A 84 -7.18 -7.10 2.91
CA ASP A 84 -6.42 -7.22 4.14
C ASP A 84 -7.21 -6.70 5.33
N ALA A 85 -7.88 -5.56 5.17
CA ALA A 85 -8.64 -4.98 6.27
C ALA A 85 -9.80 -5.90 6.66
N VAL A 86 -10.51 -6.46 5.69
CA VAL A 86 -11.60 -7.38 6.01
C VAL A 86 -11.06 -8.63 6.70
N SER A 87 -9.99 -9.20 6.17
CA SER A 87 -9.37 -10.35 6.83
C SER A 87 -8.98 -10.00 8.27
N LYS A 88 -8.46 -8.80 8.48
CA LYS A 88 -8.08 -8.34 9.81
C LYS A 88 -9.26 -8.35 10.78
N HIS A 89 -10.38 -7.73 10.38
CA HIS A 89 -11.52 -7.50 11.30
C HIS A 89 -12.59 -8.59 11.27
N ALA A 90 -12.57 -9.48 10.28
CA ALA A 90 -13.63 -10.49 10.10
C ALA A 90 -13.80 -11.40 11.32
N PRO A 91 -12.73 -11.93 11.94
CA PRO A 91 -12.87 -12.82 13.10
C PRO A 91 -13.78 -12.29 14.21
N ASP A 92 -13.74 -10.99 14.52
CA ASP A 92 -14.59 -10.41 15.59
C ASP A 92 -16.02 -10.11 15.13
N ALA A 93 -16.32 -10.19 13.84
CA ALA A 93 -17.65 -9.74 13.36
C ALA A 93 -18.74 -10.82 13.41
N ASN A 94 -19.95 -10.42 13.74
CA ASN A 94 -21.11 -11.29 13.60
C ASN A 94 -21.80 -11.15 12.25
N VAL A 95 -21.69 -9.98 11.62
CA VAL A 95 -22.31 -9.70 10.33
C VAL A 95 -21.26 -9.05 9.45
N LEU A 96 -21.13 -9.53 8.21
CA LEU A 96 -20.33 -8.88 7.20
C LEU A 96 -21.26 -8.34 6.12
N VAL A 97 -21.15 -7.05 5.82
CA VAL A 97 -21.94 -6.43 4.75
C VAL A 97 -20.95 -5.94 3.70
N MET A 98 -20.91 -6.64 2.56
CA MET A 98 -19.96 -6.29 1.49
C MET A 98 -20.67 -5.39 0.51
N ALA A 99 -20.77 -4.10 0.86
CA ALA A 99 -21.37 -3.12 -0.05
C ALA A 99 -20.34 -2.37 -0.88
N ALA A 100 -19.04 -2.64 -0.70
CA ALA A 100 -18.03 -1.96 -1.49
C ALA A 100 -18.05 -2.43 -2.95
N ALA A 101 -17.73 -1.51 -3.86
CA ALA A 101 -17.55 -1.82 -5.29
C ALA A 101 -16.08 -2.15 -5.50
N VAL A 102 -15.74 -3.43 -5.33
CA VAL A 102 -14.36 -3.87 -5.29
C VAL A 102 -13.85 -4.08 -6.70
N ALA A 103 -12.74 -3.42 -7.05
CA ALA A 103 -12.20 -3.57 -8.40
C ALA A 103 -11.85 -5.02 -8.67
N ASP A 104 -12.19 -5.51 -9.87
CA ASP A 104 -11.92 -6.90 -10.19
C ASP A 104 -10.49 -7.15 -10.66
N PHE A 105 -9.76 -6.09 -11.06
CA PHE A 105 -8.39 -6.23 -11.54
C PHE A 105 -7.56 -5.05 -11.03
N ARG A 106 -6.25 -5.26 -10.96
CA ARG A 106 -5.32 -4.20 -10.63
C ARG A 106 -4.21 -4.20 -11.66
N PRO A 107 -3.56 -3.05 -11.89
CA PRO A 107 -2.46 -3.01 -12.84
C PRO A 107 -1.34 -3.93 -12.40
N ALA A 108 -0.71 -4.59 -13.37
CA ALA A 108 0.35 -5.56 -13.08
C ALA A 108 1.60 -4.91 -12.49
N HIS A 109 1.82 -3.63 -12.76
CA HIS A 109 2.98 -2.91 -12.25
C HIS A 109 2.53 -1.56 -11.72
N VAL A 110 3.19 -1.10 -10.66
CA VAL A 110 2.87 0.18 -10.03
C VAL A 110 4.18 0.97 -9.87
N ALA A 111 4.22 2.17 -10.45
CA ALA A 111 5.41 2.98 -10.29
C ALA A 111 5.33 3.84 -9.03
N ALA A 112 6.50 4.10 -8.44
CA ALA A 112 6.65 4.95 -7.26
C ALA A 112 6.68 6.42 -7.61
N ALA A 113 7.04 6.77 -8.84
CA ALA A 113 7.06 8.13 -9.32
C ALA A 113 6.17 8.24 -10.55
N LYS A 114 5.63 9.45 -10.76
CA LYS A 114 4.70 9.77 -11.87
C LYS A 114 5.25 9.29 -13.21
N ILE A 115 4.46 8.61 -14.03
CA ILE A 115 4.91 8.17 -15.35
C ILE A 115 4.87 9.36 -16.30
N LYS A 116 5.96 9.56 -17.04
CA LYS A 116 6.09 10.69 -17.96
C LYS A 116 6.07 10.21 -19.41
N LYS A 117 5.95 11.18 -20.31
CA LYS A 117 5.90 10.90 -21.74
C LYS A 117 7.27 11.16 -22.37
N PRO A 122 4.28 4.98 -24.35
CA PRO A 122 3.47 4.01 -23.60
C PRO A 122 2.33 3.50 -24.49
N SER A 123 1.66 2.41 -24.10
CA SER A 123 0.71 1.81 -25.06
C SER A 123 -0.35 0.88 -24.43
N SER A 124 0.00 0.10 -23.39
CA SER A 124 -0.96 -0.90 -22.86
C SER A 124 -0.77 -1.19 -21.37
N ILE A 125 -1.87 -1.32 -20.64
CA ILE A 125 -1.78 -1.63 -19.18
C ILE A 125 -2.09 -3.12 -18.97
N ASP A 126 -1.13 -3.88 -18.47
CA ASP A 126 -1.36 -5.30 -18.15
C ASP A 126 -2.11 -5.37 -16.82
N LEU A 127 -3.06 -6.29 -16.69
CA LEU A 127 -3.90 -6.42 -15.51
C LEU A 127 -3.71 -7.78 -14.84
N VAL A 128 -3.98 -7.83 -13.54
CA VAL A 128 -3.99 -9.08 -12.80
C VAL A 128 -5.26 -9.12 -11.94
N ARG A 129 -5.79 -10.33 -11.74
CA ARG A 129 -7.07 -10.47 -11.07
C ARG A 129 -6.94 -10.23 -9.57
N ASN A 130 -7.94 -9.55 -9.00
CA ASN A 130 -8.03 -9.33 -7.57
C ASN A 130 -8.79 -10.46 -6.90
N ASP A 131 -8.47 -10.73 -5.64
CA ASP A 131 -9.21 -11.75 -4.89
C ASP A 131 -10.65 -11.32 -4.67
N ASP A 132 -11.55 -12.30 -4.67
CA ASP A 132 -12.96 -12.11 -4.35
C ASP A 132 -13.10 -12.14 -2.82
N VAL A 133 -13.34 -10.98 -2.20
CA VAL A 133 -13.33 -10.95 -0.74
C VAL A 133 -14.59 -11.60 -0.17
N LEU A 134 -15.73 -11.35 -0.80
CA LEU A 134 -16.99 -11.95 -0.37
C LEU A 134 -16.94 -13.48 -0.43
N ALA A 135 -16.48 -14.03 -1.55
CA ALA A 135 -16.39 -15.49 -1.65
C ALA A 135 -15.42 -16.05 -0.63
N GLY A 136 -14.36 -15.28 -0.32
CA GLY A 136 -13.41 -15.73 0.69
C GLY A 136 -14.04 -15.83 2.06
N ALA A 137 -14.91 -14.88 2.42
CA ALA A 137 -15.58 -14.94 3.71
C ALA A 137 -16.58 -16.09 3.76
N VAL A 138 -17.30 -16.33 2.65
CA VAL A 138 -18.20 -17.48 2.57
C VAL A 138 -17.43 -18.80 2.75
N ARG A 139 -16.31 -18.95 2.04
CA ARG A 139 -15.53 -20.19 2.16
C ARG A 139 -14.94 -20.34 3.55
N ALA A 140 -14.46 -19.25 4.17
CA ALA A 140 -13.87 -19.35 5.51
C ALA A 140 -14.91 -19.71 6.56
N ARG A 141 -16.12 -19.14 6.47
CA ARG A 141 -17.17 -19.51 7.43
C ARG A 141 -17.56 -20.97 7.28
N ALA A 142 -17.62 -21.47 6.04
CA ALA A 142 -17.99 -22.86 5.83
C ALA A 142 -16.87 -23.82 6.22
N ASP A 143 -15.62 -23.36 6.30
CA ASP A 143 -14.52 -24.20 6.74
C ASP A 143 -14.24 -24.06 8.24
N GLY A 144 -15.17 -23.46 8.99
CA GLY A 144 -15.06 -23.35 10.43
C GLY A 144 -14.13 -22.27 10.95
N GLN A 145 -13.70 -21.33 10.10
CA GLN A 145 -12.70 -20.35 10.50
C GLN A 145 -13.31 -19.04 10.98
N LEU A 146 -14.63 -18.88 10.85
CA LEU A 146 -15.33 -17.67 11.27
C LEU A 146 -16.52 -18.08 12.12
N PRO A 147 -16.26 -18.70 13.28
CA PRO A 147 -17.36 -19.25 14.07
C PRO A 147 -18.30 -18.19 14.61
N ASN A 148 -17.86 -16.93 14.72
CA ASN A 148 -18.73 -15.85 15.17
C ASN A 148 -19.63 -15.30 14.08
N MET A 149 -19.39 -15.66 12.82
CA MET A 149 -20.08 -15.04 11.69
C MET A 149 -21.46 -15.68 11.51
N ARG A 150 -22.51 -14.86 11.53
CA ARG A 150 -23.86 -15.40 11.40
C ARG A 150 -24.56 -14.95 10.12
N ALA A 151 -24.11 -13.87 9.50
CA ALA A 151 -24.75 -13.39 8.28
C ALA A 151 -23.70 -12.73 7.40
N ILE A 152 -23.64 -13.16 6.15
CA ILE A 152 -22.77 -12.57 5.15
C ILE A 152 -23.65 -12.02 4.05
N VAL A 153 -23.51 -10.73 3.77
CA VAL A 153 -24.40 -10.01 2.86
C VAL A 153 -23.57 -9.46 1.71
N GLY A 154 -23.94 -9.82 0.49
CA GLY A 154 -23.36 -9.18 -0.67
C GLY A 154 -24.33 -8.25 -1.38
N PHE A 155 -23.78 -7.41 -2.26
CA PHE A 155 -24.54 -6.44 -3.05
C PHE A 155 -24.22 -6.67 -4.52
N ALA A 156 -25.18 -6.40 -5.40
CA ALA A 156 -24.91 -6.58 -6.81
C ALA A 156 -25.81 -5.62 -7.59
N ALA A 157 -25.28 -5.07 -8.67
CA ALA A 157 -26.05 -4.35 -9.67
C ALA A 157 -26.16 -5.24 -10.90
N GLU A 158 -27.39 -5.55 -11.29
CA GLU A 158 -27.63 -6.48 -12.38
C GLU A 158 -28.53 -5.84 -13.42
N THR A 159 -28.35 -6.29 -14.66
CA THR A 159 -29.14 -5.81 -15.78
C THR A 159 -29.51 -7.02 -16.64
N GLY A 160 -30.63 -6.91 -17.35
CA GLY A 160 -30.94 -7.91 -18.35
C GLY A 160 -30.22 -7.64 -19.65
N ASP A 161 -29.85 -8.70 -20.37
CA ASP A 161 -29.18 -8.57 -21.65
C ASP A 161 -29.46 -9.82 -22.47
N ALA A 162 -28.75 -9.95 -23.59
CA ALA A 162 -28.95 -11.06 -24.51
C ALA A 162 -28.67 -12.41 -23.85
N ASN A 163 -28.00 -12.43 -22.70
CA ASN A 163 -27.66 -13.67 -22.04
C ASN A 163 -28.59 -14.01 -20.89
N GLY A 164 -29.59 -13.18 -20.63
CA GLY A 164 -30.50 -13.48 -19.53
C GLY A 164 -31.19 -12.27 -18.94
N ASP A 165 -32.40 -12.47 -18.43
CA ASP A 165 -33.12 -11.39 -17.77
C ASP A 165 -32.43 -11.05 -16.45
N VAL A 166 -32.84 -9.92 -15.86
CA VAL A 166 -32.13 -9.39 -14.71
C VAL A 166 -32.20 -10.36 -13.52
N LEU A 167 -33.35 -11.01 -13.32
CA LEU A 167 -33.48 -11.89 -12.17
C LEU A 167 -32.68 -13.17 -12.35
N PHE A 168 -32.68 -13.71 -13.57
CA PHE A 168 -31.78 -14.83 -13.89
C PHE A 168 -30.34 -14.51 -13.47
N HIS A 169 -29.84 -13.33 -13.83
CA HIS A 169 -28.45 -13.01 -13.51
C HIS A 169 -28.26 -12.81 -12.01
N ALA A 170 -29.27 -12.27 -11.35
CA ALA A 170 -29.18 -12.03 -9.91
C ALA A 170 -29.17 -13.35 -9.13
N ARG A 171 -30.05 -14.28 -9.52
CA ARG A 171 -30.07 -15.59 -8.89
C ARG A 171 -28.76 -16.32 -9.08
N ALA A 172 -28.23 -16.30 -10.31
CA ALA A 172 -26.97 -16.98 -10.58
C ALA A 172 -25.85 -16.43 -9.69
N LYS A 173 -25.89 -15.13 -9.40
CA LYS A 173 -24.87 -14.49 -8.57
C LYS A 173 -24.97 -14.96 -7.12
N LEU A 174 -26.19 -14.94 -6.57
CA LEU A 174 -26.43 -15.49 -5.25
C LEU A 174 -25.87 -16.90 -5.14
N GLU A 175 -26.26 -17.76 -6.08
CA GLU A 175 -25.79 -19.15 -6.09
C GLU A 175 -24.26 -19.23 -6.16
N ARG A 176 -23.62 -18.41 -7.01
CA ARG A 176 -22.17 -18.51 -7.15
C ARG A 176 -21.44 -17.98 -5.94
N LYS A 177 -21.91 -16.87 -5.36
CA LYS A 177 -21.26 -16.29 -4.19
C LYS A 177 -21.48 -17.15 -2.95
N GLY A 178 -22.68 -17.69 -2.78
CA GLY A 178 -22.97 -18.50 -1.60
C GLY A 178 -23.23 -17.73 -0.33
N CYS A 179 -23.48 -16.42 -0.40
CA CYS A 179 -23.70 -15.65 0.81
C CYS A 179 -25.12 -15.88 1.33
N ASP A 180 -25.41 -15.33 2.50
CA ASP A 180 -26.74 -15.51 3.10
C ASP A 180 -27.79 -14.60 2.46
N LEU A 181 -27.41 -13.40 2.04
CA LEU A 181 -28.34 -12.45 1.46
C LEU A 181 -27.64 -11.69 0.34
N LEU A 182 -28.34 -11.49 -0.76
CA LEU A 182 -27.81 -10.72 -1.86
C LEU A 182 -28.74 -9.55 -2.10
N VAL A 183 -28.23 -8.33 -1.92
CA VAL A 183 -28.98 -7.11 -2.16
C VAL A 183 -28.77 -6.72 -3.62
N VAL A 184 -29.83 -6.81 -4.42
CA VAL A 184 -29.74 -6.66 -5.86
C VAL A 184 -30.38 -5.34 -6.26
N ASN A 185 -29.59 -4.47 -6.88
CA ASN A 185 -30.15 -3.27 -7.50
C ASN A 185 -30.36 -3.54 -8.99
N ALA A 186 -31.61 -3.43 -9.44
CA ALA A 186 -31.95 -3.62 -10.85
C ALA A 186 -31.64 -2.34 -11.61
N VAL A 187 -30.54 -2.36 -12.37
CA VAL A 187 -30.12 -1.20 -13.14
C VAL A 187 -30.85 -1.10 -14.49
N ASP A 199 -34.60 0.38 -6.47
CA ASP A 199 -35.44 -0.75 -6.87
C ASP A 199 -34.61 -2.01 -7.12
N GLY A 200 -35.19 -3.18 -6.84
CA GLY A 200 -34.47 -4.44 -6.96
C GLY A 200 -34.96 -5.49 -6.00
N TRP A 201 -34.07 -6.32 -5.46
CA TRP A 201 -34.53 -7.45 -4.67
C TRP A 201 -33.60 -7.75 -3.52
N LEU A 202 -34.17 -8.40 -2.53
CA LEU A 202 -33.44 -9.09 -1.49
C LEU A 202 -33.57 -10.60 -1.78
N LEU A 203 -32.47 -11.23 -2.14
CA LEU A 203 -32.43 -12.65 -2.45
C LEU A 203 -31.72 -13.36 -1.30
N SER A 204 -32.43 -14.25 -0.63
CA SER A 204 -31.88 -14.97 0.51
C SER A 204 -31.41 -16.36 0.11
N ALA A 205 -30.47 -16.91 0.89
CA ALA A 205 -29.99 -18.28 0.66
C ALA A 205 -31.06 -19.34 0.93
N ASP A 206 -32.16 -19.01 1.59
CA ASP A 206 -33.23 -19.99 1.72
C ASP A 206 -34.22 -19.98 0.54
N GLY A 207 -33.99 -19.15 -0.46
CA GLY A 207 -34.84 -19.10 -1.64
C GLY A 207 -35.83 -17.95 -1.67
N THR A 208 -36.11 -17.33 -0.53
CA THR A 208 -37.05 -16.22 -0.50
C THR A 208 -36.53 -15.06 -1.35
N GLU A 209 -37.46 -14.37 -2.00
CA GLU A 209 -37.13 -13.30 -2.93
C GLU A 209 -38.08 -12.14 -2.66
N SER A 210 -37.56 -11.06 -2.11
CA SER A 210 -38.35 -9.90 -1.72
C SER A 210 -38.01 -8.72 -2.61
N ALA A 211 -39.04 -8.03 -3.09
CA ALA A 211 -38.82 -6.82 -3.85
C ALA A 211 -38.35 -5.72 -2.91
N LEU A 212 -37.40 -4.91 -3.37
CA LEU A 212 -36.84 -3.84 -2.55
C LEU A 212 -37.41 -2.53 -3.10
N GLU A 213 -38.50 -2.07 -2.47
CA GLU A 213 -39.17 -0.87 -2.92
C GLU A 213 -38.20 0.30 -2.96
N HIS A 214 -38.35 1.15 -3.96
CA HIS A 214 -37.46 2.28 -4.09
C HIS A 214 -37.65 3.27 -2.96
N GLY A 215 -36.56 3.88 -2.54
CA GLY A 215 -36.62 4.99 -1.62
C GLY A 215 -35.27 5.66 -1.49
N SER A 216 -35.12 6.47 -0.45
CA SER A 216 -33.80 7.10 -0.20
C SER A 216 -32.80 6.05 0.31
N LYS A 217 -31.52 6.41 0.30
CA LYS A 217 -30.45 5.48 0.77
C LYS A 217 -30.73 5.04 2.21
N THR A 218 -31.18 5.96 3.07
CA THR A 218 -31.54 5.63 4.47
C THR A 218 -32.72 4.65 4.52
N LEU A 219 -33.76 4.88 3.74
CA LEU A 219 -34.96 4.02 3.79
C LEU A 219 -34.65 2.62 3.30
N MET A 220 -33.86 2.51 2.23
CA MET A 220 -33.49 1.19 1.68
C MET A 220 -32.56 0.47 2.65
N ALA A 221 -31.73 1.21 3.39
CA ALA A 221 -30.84 0.61 4.41
C ALA A 221 -31.70 -0.01 5.52
N THR A 222 -32.80 0.66 5.87
CA THR A 222 -33.73 0.17 6.92
C THR A 222 -34.28 -1.19 6.51
N ARG A 223 -34.69 -1.33 5.25
CA ARG A 223 -35.24 -2.62 4.76
C ARG A 223 -34.15 -3.71 4.73
N ILE A 224 -32.93 -3.34 4.35
CA ILE A 224 -31.83 -4.30 4.33
C ILE A 224 -31.54 -4.80 5.73
N VAL A 225 -31.38 -3.87 6.68
CA VAL A 225 -31.10 -4.26 8.05
C VAL A 225 -32.26 -5.06 8.63
N ASP A 226 -33.50 -4.67 8.31
CA ASP A 226 -34.65 -5.49 8.71
C ASP A 226 -34.49 -6.92 8.18
N SER A 227 -34.07 -7.07 6.92
CA SER A 227 -33.87 -8.40 6.37
C SER A 227 -32.76 -9.15 7.10
N ILE A 228 -31.65 -8.46 7.41
CA ILE A 228 -30.60 -9.09 8.21
C ILE A 228 -31.16 -9.51 9.56
N ALA A 229 -31.95 -8.65 10.20
CA ALA A 229 -32.52 -8.98 11.51
C ALA A 229 -33.38 -10.23 11.44
N ALA A 230 -34.20 -10.35 10.39
CA ALA A 230 -35.06 -11.51 10.26
C ALA A 230 -34.25 -12.79 10.07
N PHE A 231 -33.14 -12.70 9.33
CA PHE A 231 -32.32 -13.87 9.09
C PHE A 231 -31.56 -14.28 10.35
N LEU A 232 -31.25 -13.32 11.22
CA LEU A 232 -30.57 -13.64 12.48
C LEU A 232 -31.53 -14.20 13.52
N LYS A 233 -32.72 -13.62 13.66
CA LYS A 233 -33.67 -14.10 14.67
C LYS A 233 -34.13 -15.53 14.39
N SER A 234 -34.04 -15.98 13.13
CA SER A 234 -34.39 -17.36 12.82
C SER A 234 -33.23 -18.30 13.15
N GLN A 235 -32.05 -18.01 12.62
CA GLN A 235 -30.86 -18.83 12.83
C GLN A 235 -30.54 -19.03 14.31
N HIS B 7 -9.90 46.62 -4.62
CA HIS B 7 -9.07 46.70 -5.82
C HIS B 7 -9.42 45.61 -6.83
N HIS B 8 -10.09 46.02 -7.91
CA HIS B 8 -10.51 45.10 -8.97
C HIS B 8 -9.53 45.22 -10.13
N ASP B 9 -8.34 44.63 -9.95
CA ASP B 9 -7.32 44.70 -10.98
C ASP B 9 -7.57 43.74 -12.14
N MET B 10 -8.65 42.96 -12.08
CA MET B 10 -9.06 42.08 -13.17
C MET B 10 -10.40 42.49 -13.78
N ALA B 11 -10.91 43.67 -13.42
CA ALA B 11 -12.12 44.18 -14.03
C ALA B 11 -11.98 44.22 -15.55
N GLY B 12 -13.07 43.92 -16.24
CA GLY B 12 -13.04 43.88 -17.69
C GLY B 12 -12.31 42.70 -18.29
N VAL B 13 -11.83 41.76 -17.48
CA VAL B 13 -11.12 40.58 -17.97
C VAL B 13 -12.05 39.39 -17.93
N LYS B 14 -12.18 38.69 -19.06
CA LYS B 14 -12.91 37.43 -19.13
C LYS B 14 -11.89 36.31 -19.05
N ALA B 15 -12.06 35.44 -18.06
CA ALA B 15 -11.12 34.34 -17.82
C ALA B 15 -11.85 33.02 -17.98
N LEU B 16 -11.20 32.07 -18.63
CA LEU B 16 -11.67 30.70 -18.73
C LEU B 16 -10.67 29.84 -17.97
N VAL B 17 -11.15 29.12 -16.95
CA VAL B 17 -10.33 28.29 -16.08
C VAL B 17 -10.82 26.85 -16.20
N THR B 18 -9.88 25.90 -16.25
CA THR B 18 -10.18 24.49 -16.18
C THR B 18 -9.62 23.93 -14.88
N ALA B 19 -10.34 22.99 -14.26
CA ALA B 19 -9.93 22.47 -12.96
C ALA B 19 -10.44 21.04 -12.76
N GLY B 20 -9.70 20.28 -11.98
CA GLY B 20 -10.07 18.91 -11.67
C GLY B 20 -9.40 17.92 -12.62
N GLY B 21 -9.53 16.65 -12.26
CA GLY B 21 -9.06 15.57 -13.11
C GLY B 21 -10.12 15.12 -14.09
N THR B 22 -9.68 14.54 -15.20
CA THR B 22 -10.58 13.92 -16.15
C THR B 22 -10.71 12.44 -15.83
N ARG B 23 -11.81 11.86 -16.30
CA ARG B 23 -12.09 10.43 -16.11
C ARG B 23 -12.28 9.80 -17.49
N GLU B 24 -11.39 8.88 -17.85
CA GLU B 24 -11.37 8.20 -19.16
C GLU B 24 -12.12 6.87 -19.01
N PRO B 25 -13.32 6.73 -19.57
CA PRO B 25 -14.12 5.55 -19.36
C PRO B 25 -13.61 4.26 -20.01
N LEU B 26 -13.73 3.15 -19.30
CA LEU B 26 -13.41 1.80 -19.80
C LEU B 26 -14.74 1.18 -20.21
N ASP B 27 -15.75 1.45 -19.41
CA ASP B 27 -17.15 1.01 -19.59
C ASP B 27 -18.05 1.99 -18.81
N PRO B 28 -19.35 1.74 -18.64
CA PRO B 28 -20.20 2.67 -17.92
C PRO B 28 -19.83 2.95 -16.46
N VAL B 29 -19.15 2.04 -15.77
CA VAL B 29 -18.87 2.25 -14.33
C VAL B 29 -17.37 2.41 -14.04
N ARG B 30 -16.48 1.91 -14.89
CA ARG B 30 -15.04 2.03 -14.59
C ARG B 30 -14.37 3.09 -15.46
N PHE B 31 -13.29 3.68 -14.96
CA PHE B 31 -12.56 4.72 -15.66
C PHE B 31 -11.13 4.73 -15.16
N ILE B 32 -10.26 5.32 -15.97
CA ILE B 32 -8.95 5.76 -15.52
C ILE B 32 -9.07 7.20 -15.04
N GLY B 33 -8.60 7.46 -13.82
CA GLY B 33 -8.65 8.79 -13.24
C GLY B 33 -7.33 9.14 -12.59
N ASN B 34 -7.31 10.31 -11.95
CA ASN B 34 -6.14 10.76 -11.24
C ASN B 34 -6.58 11.45 -9.95
N ARG B 35 -5.62 11.72 -9.05
CA ARG B 35 -5.95 12.13 -7.69
C ARG B 35 -6.09 13.63 -7.52
N SER B 36 -6.06 14.40 -8.61
CA SER B 36 -6.31 15.83 -8.54
C SER B 36 -7.66 16.12 -7.89
N SER B 37 -7.65 17.00 -6.89
CA SER B 37 -8.88 17.45 -6.24
C SER B 37 -9.59 18.55 -7.02
N GLY B 38 -8.85 19.30 -7.85
CA GLY B 38 -9.35 20.52 -8.47
C GLY B 38 -9.33 21.73 -7.56
N LYS B 39 -8.80 21.64 -6.34
CA LYS B 39 -8.93 22.78 -5.43
C LYS B 39 -8.10 23.97 -5.88
N GLN B 40 -6.93 23.73 -6.49
CA GLN B 40 -6.08 24.85 -6.88
C GLN B 40 -6.68 25.62 -8.04
N GLY B 41 -7.34 24.93 -8.97
CA GLY B 41 -7.98 25.62 -10.06
C GLY B 41 -9.21 26.38 -9.60
N TYR B 42 -10.02 25.77 -8.71
CA TYR B 42 -11.14 26.48 -8.11
C TYR B 42 -10.67 27.75 -7.41
N ALA B 43 -9.55 27.67 -6.67
CA ALA B 43 -9.02 28.86 -5.99
C ALA B 43 -8.60 29.94 -6.97
N VAL B 44 -7.97 29.57 -8.08
CA VAL B 44 -7.64 30.56 -9.12
C VAL B 44 -8.91 31.18 -9.68
N ALA B 45 -9.92 30.34 -9.96
CA ALA B 45 -11.20 30.86 -10.45
C ALA B 45 -11.83 31.80 -9.44
N ARG B 46 -11.74 31.43 -8.15
CA ARG B 46 -12.36 32.26 -7.12
C ARG B 46 -11.65 33.60 -6.98
N VAL B 47 -10.32 33.58 -6.96
CA VAL B 47 -9.53 34.81 -6.81
C VAL B 47 -9.75 35.75 -8.00
N LEU B 48 -9.79 35.19 -9.21
CA LEU B 48 -10.10 35.99 -10.39
C LEU B 48 -11.43 36.71 -10.27
N ALA B 49 -12.48 35.99 -9.82
CA ALA B 49 -13.80 36.60 -9.67
C ALA B 49 -13.81 37.63 -8.56
N GLN B 50 -13.12 37.33 -7.45
CA GLN B 50 -13.02 38.28 -6.35
C GLN B 50 -12.33 39.57 -6.79
N ARG B 51 -11.47 39.51 -7.79
CA ARG B 51 -10.75 40.68 -8.26
C ARG B 51 -11.36 41.27 -9.54
N GLY B 52 -12.61 40.92 -9.86
CA GLY B 52 -13.35 41.60 -10.90
C GLY B 52 -13.48 40.84 -12.21
N ALA B 53 -12.81 39.73 -12.39
CA ALA B 53 -12.90 39.05 -13.68
C ALA B 53 -14.30 38.45 -13.89
N ASP B 54 -14.66 38.26 -15.16
CA ASP B 54 -15.84 37.47 -15.53
C ASP B 54 -15.36 36.06 -15.89
N VAL B 55 -15.65 35.09 -15.00
CA VAL B 55 -14.95 33.81 -14.98
C VAL B 55 -15.90 32.70 -15.40
N THR B 56 -15.46 31.88 -16.34
CA THR B 56 -16.07 30.59 -16.64
C THR B 56 -15.11 29.49 -16.19
N LEU B 57 -15.65 28.50 -15.48
CA LEU B 57 -14.85 27.44 -14.89
C LEU B 57 -15.30 26.11 -15.49
N ILE B 58 -14.38 25.43 -16.17
CA ILE B 58 -14.64 24.09 -16.71
C ILE B 58 -14.08 23.09 -15.72
N ALA B 59 -14.99 22.37 -15.06
CA ALA B 59 -14.63 21.48 -13.94
C ALA B 59 -14.78 20.01 -14.27
N GLY B 60 -13.74 19.24 -13.97
CA GLY B 60 -13.75 17.78 -14.13
C GLY B 60 -14.26 17.06 -12.89
N ASN B 61 -13.52 16.09 -12.38
CA ASN B 61 -13.96 15.27 -11.22
C ASN B 61 -13.92 16.10 -9.93
N THR B 62 -14.91 16.96 -9.70
CA THR B 62 -14.88 17.86 -8.52
C THR B 62 -16.23 17.92 -7.83
N ALA B 63 -16.98 16.83 -7.83
CA ALA B 63 -18.34 16.81 -7.25
C ALA B 63 -18.37 17.35 -5.81
N GLY B 64 -17.34 17.08 -5.01
CA GLY B 64 -17.35 17.50 -3.61
C GLY B 64 -17.05 18.96 -3.35
N LEU B 65 -16.60 19.72 -4.35
CA LEU B 65 -16.23 21.12 -4.14
C LEU B 65 -17.42 22.06 -4.32
N ILE B 66 -17.36 23.21 -3.64
CA ILE B 66 -18.37 24.25 -3.77
C ILE B 66 -18.09 25.06 -5.03
N ASP B 67 -19.15 25.35 -5.80
CA ASP B 67 -19.00 26.28 -6.92
C ASP B 67 -18.58 27.65 -6.42
N PRO B 68 -17.52 28.26 -6.96
CA PRO B 68 -17.13 29.60 -6.51
C PRO B 68 -18.22 30.61 -6.81
N ALA B 69 -18.50 31.46 -5.84
CA ALA B 69 -19.52 32.48 -6.03
C ALA B 69 -19.15 33.34 -7.24
N GLY B 70 -20.15 33.66 -8.06
CA GLY B 70 -19.98 34.57 -9.17
C GLY B 70 -19.38 33.98 -10.42
N VAL B 71 -19.23 32.66 -10.50
CA VAL B 71 -18.53 32.00 -11.58
C VAL B 71 -19.52 31.11 -12.34
N GLU B 72 -19.46 31.15 -13.67
CA GLU B 72 -20.27 30.25 -14.50
C GLU B 72 -19.60 28.87 -14.57
N MET B 73 -20.33 27.82 -14.21
CA MET B 73 -19.78 26.47 -14.17
C MET B 73 -20.07 25.73 -15.47
N VAL B 74 -19.06 25.03 -15.98
CA VAL B 74 -19.23 24.06 -17.06
C VAL B 74 -18.63 22.73 -16.59
N HIS B 75 -19.43 21.67 -16.62
CA HIS B 75 -19.02 20.39 -16.09
C HIS B 75 -18.68 19.44 -17.22
N ILE B 76 -17.56 18.74 -17.11
CA ILE B 76 -17.14 17.78 -18.13
C ILE B 76 -16.66 16.51 -17.45
N GLY B 77 -16.61 15.43 -18.23
CA GLY B 77 -16.15 14.16 -17.71
C GLY B 77 -14.76 13.80 -18.20
N SER B 78 -14.60 13.61 -19.49
CA SER B 78 -13.38 13.05 -20.05
C SER B 78 -12.47 14.16 -20.60
N ALA B 79 -11.24 13.77 -20.95
CA ALA B 79 -10.33 14.71 -21.60
C ALA B 79 -10.90 15.24 -22.92
N THR B 80 -11.68 14.43 -23.62
CA THR B 80 -12.19 14.85 -24.91
C THR B 80 -13.33 15.86 -24.74
N GLN B 81 -14.17 15.66 -23.72
CA GLN B 81 -15.19 16.65 -23.38
C GLN B 81 -14.55 17.95 -22.88
N LEU B 82 -13.43 17.86 -22.16
CA LEU B 82 -12.77 19.10 -21.77
C LEU B 82 -12.23 19.84 -22.99
N ARG B 83 -11.63 19.12 -23.93
CA ARG B 83 -11.15 19.71 -25.17
C ARG B 83 -12.25 20.46 -25.89
N ASP B 84 -13.42 19.82 -26.03
CA ASP B 84 -14.53 20.47 -26.76
C ASP B 84 -15.05 21.68 -26.01
N ALA B 85 -15.10 21.60 -24.68
CA ALA B 85 -15.58 22.73 -23.91
C ALA B 85 -14.61 23.90 -23.97
N VAL B 86 -13.31 23.64 -23.88
CA VAL B 86 -12.33 24.73 -23.99
C VAL B 86 -12.41 25.40 -25.35
N SER B 87 -12.40 24.60 -26.43
CA SER B 87 -12.42 25.20 -27.76
C SER B 87 -13.72 25.96 -28.01
N LYS B 88 -14.81 25.56 -27.35
CA LYS B 88 -16.07 26.29 -27.49
C LYS B 88 -16.01 27.63 -26.76
N HIS B 89 -15.40 27.66 -25.56
CA HIS B 89 -15.41 28.88 -24.74
C HIS B 89 -14.15 29.72 -24.88
N ALA B 90 -13.07 29.17 -25.44
CA ALA B 90 -11.85 29.96 -25.56
C ALA B 90 -11.98 31.22 -26.39
N PRO B 91 -12.72 31.25 -27.50
CA PRO B 91 -12.68 32.46 -28.34
C PRO B 91 -13.26 33.69 -27.67
N ASP B 92 -14.02 33.54 -26.60
CA ASP B 92 -14.58 34.67 -25.87
C ASP B 92 -13.70 35.15 -24.73
N ALA B 93 -12.64 34.41 -24.37
CA ALA B 93 -11.86 34.73 -23.18
C ALA B 93 -10.65 35.61 -23.50
N ASN B 94 -10.22 36.37 -22.49
CA ASN B 94 -8.96 37.08 -22.53
C ASN B 94 -7.81 36.29 -21.90
N VAL B 95 -8.09 35.39 -20.97
CA VAL B 95 -7.07 34.64 -20.26
C VAL B 95 -7.55 33.20 -20.14
N LEU B 96 -6.69 32.25 -20.44
CA LEU B 96 -6.98 30.83 -20.28
C LEU B 96 -6.02 30.26 -19.25
N VAL B 97 -6.57 29.70 -18.18
CA VAL B 97 -5.80 29.10 -17.10
C VAL B 97 -6.05 27.59 -17.15
N MET B 98 -5.07 26.84 -17.66
CA MET B 98 -5.22 25.38 -17.78
C MET B 98 -4.71 24.70 -16.51
N ALA B 99 -5.58 24.64 -15.50
CA ALA B 99 -5.21 23.99 -14.24
C ALA B 99 -5.67 22.54 -14.12
N ALA B 100 -6.46 22.05 -15.07
CA ALA B 100 -6.98 20.69 -14.96
C ALA B 100 -5.87 19.66 -15.12
N ALA B 101 -5.97 18.56 -14.37
CA ALA B 101 -5.08 17.41 -14.57
C ALA B 101 -5.70 16.56 -15.67
N VAL B 102 -5.36 16.89 -16.92
CA VAL B 102 -5.96 16.24 -18.09
C VAL B 102 -5.29 14.91 -18.36
N ALA B 103 -6.09 13.86 -18.49
CA ALA B 103 -5.55 12.54 -18.74
C ALA B 103 -4.79 12.53 -20.06
N ASP B 104 -3.56 12.04 -20.01
CA ASP B 104 -2.76 11.98 -21.23
C ASP B 104 -3.28 10.92 -22.20
N PHE B 105 -3.87 9.84 -21.69
CA PHE B 105 -4.34 8.73 -22.51
C PHE B 105 -5.76 8.36 -22.10
N ARG B 106 -6.44 7.67 -23.01
CA ARG B 106 -7.75 7.10 -22.75
C ARG B 106 -7.74 5.66 -23.26
N PRO B 107 -8.59 4.82 -22.69
CA PRO B 107 -8.83 3.49 -23.27
C PRO B 107 -9.22 3.61 -24.73
N ALA B 108 -8.70 2.71 -25.57
CA ALA B 108 -8.93 2.79 -27.01
C ALA B 108 -10.33 2.32 -27.40
N HIS B 109 -10.95 1.45 -26.59
CA HIS B 109 -12.34 1.03 -26.79
C HIS B 109 -13.08 1.17 -25.47
N VAL B 110 -14.20 1.87 -25.49
CA VAL B 110 -15.09 1.93 -24.34
C VAL B 110 -16.20 0.89 -24.54
N ALA B 111 -16.32 -0.02 -23.58
CA ALA B 111 -17.37 -1.03 -23.67
C ALA B 111 -18.74 -0.40 -23.42
N ALA B 112 -19.75 -0.96 -24.08
CA ALA B 112 -21.11 -0.44 -23.91
C ALA B 112 -21.76 -0.98 -22.64
N ALA B 113 -21.51 -2.24 -22.33
CA ALA B 113 -22.00 -2.88 -21.12
C ALA B 113 -20.88 -3.00 -20.11
N LYS B 114 -21.26 -3.16 -18.85
CA LYS B 114 -20.27 -3.47 -17.82
C LYS B 114 -19.50 -4.73 -18.21
N ILE B 115 -18.17 -4.63 -18.29
CA ILE B 115 -17.36 -5.76 -18.69
C ILE B 115 -17.38 -6.82 -17.59
N LYS B 116 -17.80 -8.03 -17.93
CA LYS B 116 -17.91 -9.12 -16.98
C LYS B 116 -16.58 -9.82 -16.83
N LYS B 117 -16.23 -10.17 -15.60
CA LYS B 117 -15.06 -10.99 -15.35
C LYS B 117 -15.30 -12.42 -15.81
N GLY B 118 -14.30 -13.00 -16.46
CA GLY B 118 -14.34 -14.39 -16.86
C GLY B 118 -13.24 -15.19 -16.17
N ALA B 119 -13.18 -16.48 -16.53
CA ALA B 119 -12.06 -17.30 -16.10
C ALA B 119 -10.83 -17.08 -16.97
N SER B 120 -11.02 -16.50 -18.15
CA SER B 120 -9.91 -16.20 -19.05
C SER B 120 -8.93 -15.23 -18.39
N GLU B 121 -7.69 -15.26 -18.89
CA GLU B 121 -6.69 -14.29 -18.43
C GLU B 121 -7.12 -12.88 -18.83
N PRO B 122 -6.91 -11.89 -17.97
CA PRO B 122 -7.40 -10.54 -18.28
C PRO B 122 -6.72 -9.95 -19.49
N SER B 123 -7.52 -9.45 -20.43
CA SER B 123 -6.95 -8.67 -21.52
C SER B 123 -6.26 -7.44 -20.93
N SER B 124 -5.35 -6.87 -21.71
CA SER B 124 -4.77 -5.60 -21.30
C SER B 124 -5.80 -4.50 -21.52
N ILE B 125 -5.45 -3.28 -21.13
CA ILE B 125 -6.19 -2.09 -21.54
C ILE B 125 -5.33 -1.41 -22.60
N ASP B 126 -5.79 -1.43 -23.84
CA ASP B 126 -5.13 -0.69 -24.92
C ASP B 126 -5.46 0.80 -24.79
N LEU B 127 -4.47 1.65 -25.10
CA LEU B 127 -4.60 3.09 -24.84
C LEU B 127 -4.28 3.90 -26.08
N VAL B 128 -4.86 5.11 -26.14
CA VAL B 128 -4.60 6.07 -27.20
C VAL B 128 -4.45 7.46 -26.58
N ARG B 129 -3.63 8.29 -27.22
CA ARG B 129 -3.34 9.60 -26.68
C ARG B 129 -4.55 10.52 -26.78
N ASN B 130 -4.73 11.36 -25.76
CA ASN B 130 -5.69 12.43 -25.84
C ASN B 130 -5.01 13.67 -26.42
N ASP B 131 -5.82 14.53 -27.05
CA ASP B 131 -5.28 15.75 -27.62
C ASP B 131 -4.77 16.66 -26.50
N ASP B 132 -3.63 17.31 -26.77
CA ASP B 132 -3.07 18.28 -25.85
C ASP B 132 -3.91 19.55 -25.95
N VAL B 133 -4.76 19.80 -24.94
CA VAL B 133 -5.74 20.88 -25.07
C VAL B 133 -5.04 22.23 -24.98
N LEU B 134 -4.09 22.38 -24.06
CA LEU B 134 -3.30 23.60 -23.94
C LEU B 134 -2.59 23.92 -25.25
N ALA B 135 -1.92 22.92 -25.85
CA ALA B 135 -1.22 23.16 -27.10
C ALA B 135 -2.19 23.46 -28.23
N GLY B 136 -3.39 22.89 -28.18
CA GLY B 136 -4.40 23.23 -29.16
C GLY B 136 -4.83 24.69 -29.05
N ALA B 137 -4.91 25.21 -27.82
CA ALA B 137 -5.25 26.62 -27.65
C ALA B 137 -4.13 27.52 -28.14
N VAL B 138 -2.87 27.18 -27.81
CA VAL B 138 -1.73 27.95 -28.32
C VAL B 138 -1.72 27.92 -29.84
N ARG B 139 -1.88 26.74 -30.41
CA ARG B 139 -1.95 26.62 -31.87
C ARG B 139 -3.05 27.51 -32.46
N ALA B 140 -4.24 27.49 -31.85
CA ALA B 140 -5.34 28.27 -32.41
C ALA B 140 -5.05 29.76 -32.32
N ARG B 141 -4.40 30.21 -31.26
CA ARG B 141 -4.02 31.62 -31.16
C ARG B 141 -2.98 31.98 -32.22
N ALA B 142 -1.94 31.16 -32.37
CA ALA B 142 -0.93 31.43 -33.39
C ALA B 142 -1.55 31.48 -34.78
N ASP B 143 -2.64 30.76 -35.00
CA ASP B 143 -3.29 30.72 -36.31
C ASP B 143 -4.39 31.77 -36.47
N GLY B 144 -4.56 32.67 -35.52
CA GLY B 144 -5.48 33.79 -35.67
C GLY B 144 -6.90 33.56 -35.21
N GLN B 145 -7.20 32.44 -34.54
CA GLN B 145 -8.57 32.14 -34.15
C GLN B 145 -8.94 32.62 -32.75
N LEU B 146 -8.01 33.20 -31.99
CA LEU B 146 -8.28 33.67 -30.63
C LEU B 146 -7.84 35.13 -30.49
N PRO B 147 -8.43 36.04 -31.26
CA PRO B 147 -7.96 37.43 -31.21
C PRO B 147 -8.07 38.06 -29.83
N ASN B 148 -9.01 37.61 -29.01
CA ASN B 148 -9.19 38.21 -27.68
C ASN B 148 -8.20 37.67 -26.65
N MET B 149 -7.56 36.53 -26.93
CA MET B 149 -6.71 35.86 -25.96
C MET B 149 -5.47 36.70 -25.66
N ARG B 150 -5.28 37.08 -24.41
CA ARG B 150 -4.12 37.86 -24.01
C ARG B 150 -3.12 37.10 -23.17
N ALA B 151 -3.51 35.98 -22.55
CA ALA B 151 -2.57 35.23 -21.74
C ALA B 151 -3.06 33.80 -21.65
N ILE B 152 -2.19 32.84 -21.99
CA ILE B 152 -2.46 31.43 -21.82
C ILE B 152 -1.53 30.92 -20.73
N VAL B 153 -2.12 30.38 -19.67
CA VAL B 153 -1.40 29.95 -18.49
C VAL B 153 -1.49 28.42 -18.41
N GLY B 154 -0.35 27.76 -18.41
CA GLY B 154 -0.29 26.34 -18.18
C GLY B 154 0.22 25.98 -16.79
N PHE B 155 -0.04 24.74 -16.40
CA PHE B 155 0.39 24.20 -15.12
C PHE B 155 1.26 22.98 -15.35
N ALA B 156 2.17 22.71 -14.43
CA ALA B 156 3.09 21.60 -14.62
C ALA B 156 3.62 21.16 -13.26
N ALA B 157 3.88 19.86 -13.16
CA ALA B 157 4.53 19.26 -12.00
C ALA B 157 5.78 18.55 -12.48
N GLU B 158 6.93 18.92 -11.92
CA GLU B 158 8.22 18.38 -12.36
C GLU B 158 9.08 18.13 -11.13
N THR B 159 9.52 16.88 -10.95
CA THR B 159 10.28 16.52 -9.76
C THR B 159 11.79 16.50 -10.03
N VAL B 166 14.68 21.17 -11.25
CA VAL B 166 13.26 21.41 -11.51
C VAL B 166 13.08 22.48 -12.58
N LEU B 167 13.97 23.47 -12.57
CA LEU B 167 13.92 24.56 -13.55
C LEU B 167 14.40 24.11 -14.93
N PHE B 168 15.14 23.00 -15.00
CA PHE B 168 15.54 22.44 -16.28
C PHE B 168 14.31 22.03 -17.11
N HIS B 169 13.40 21.29 -16.49
CA HIS B 169 12.23 20.77 -17.19
C HIS B 169 11.11 21.80 -17.25
N ALA B 170 11.09 22.74 -16.32
CA ALA B 170 10.02 23.74 -16.28
C ALA B 170 10.16 24.73 -17.42
N ARG B 171 11.40 25.20 -17.64
CA ARG B 171 11.70 26.14 -18.76
C ARG B 171 11.64 25.39 -20.08
N ALA B 172 11.91 24.09 -20.07
CA ALA B 172 11.82 23.29 -21.28
C ALA B 172 10.37 23.03 -21.65
N LYS B 173 9.55 22.64 -20.67
CA LYS B 173 8.12 22.40 -20.94
C LYS B 173 7.47 23.72 -21.36
N LEU B 174 7.97 24.83 -20.83
CA LEU B 174 7.40 26.14 -21.18
C LEU B 174 7.48 26.33 -22.70
N GLU B 175 8.68 26.18 -23.27
CA GLU B 175 8.87 26.41 -24.73
C GLU B 175 8.23 25.30 -25.58
N ARG B 176 7.97 24.12 -25.03
CA ARG B 176 7.35 23.02 -25.81
C ARG B 176 5.84 23.27 -25.96
N LYS B 177 5.19 23.76 -24.92
CA LYS B 177 3.77 24.09 -24.96
C LYS B 177 3.52 25.43 -25.64
N GLY B 178 4.34 26.43 -25.32
CA GLY B 178 4.23 27.75 -25.92
C GLY B 178 3.29 28.72 -25.24
N CYS B 179 2.94 28.50 -23.98
CA CYS B 179 2.02 29.38 -23.29
C CYS B 179 2.74 30.63 -22.75
N ASP B 180 1.97 31.52 -22.14
CA ASP B 180 2.52 32.80 -21.69
C ASP B 180 3.13 32.69 -20.30
N LEU B 181 2.54 31.86 -19.44
CA LEU B 181 3.05 31.64 -18.09
C LEU B 181 2.93 30.16 -17.77
N LEU B 182 3.93 29.62 -17.09
CA LEU B 182 3.86 28.26 -16.59
C LEU B 182 3.95 28.30 -15.08
N VAL B 183 2.95 27.73 -14.42
CA VAL B 183 2.95 27.53 -12.99
C VAL B 183 3.48 26.13 -12.72
N VAL B 184 4.60 26.02 -12.03
CA VAL B 184 5.21 24.72 -11.80
C VAL B 184 5.18 24.37 -10.31
N ASN B 185 4.67 23.18 -10.01
CA ASN B 185 4.62 22.62 -8.68
C ASN B 185 3.79 23.49 -7.72
N ALA B 186 2.64 23.95 -8.20
CA ALA B 186 1.59 24.46 -7.31
C ALA B 186 0.75 23.27 -6.82
N VAL B 187 1.40 22.42 -6.03
CA VAL B 187 0.77 21.22 -5.49
C VAL B 187 0.72 21.33 -3.97
N GLY B 188 -0.01 20.42 -3.35
CA GLY B 188 -0.12 20.39 -1.91
C GLY B 188 -1.00 21.48 -1.34
N GLU B 189 -1.33 21.36 -0.05
CA GLU B 189 -2.14 22.35 0.66
C GLU B 189 -1.38 22.92 1.85
N ASN B 190 -0.04 22.90 1.78
CA ASN B 190 0.81 23.08 2.95
C ASN B 190 0.26 22.27 4.12
N ARG B 191 0.04 20.99 3.86
CA ARG B 191 -0.58 20.09 4.82
C ARG B 191 0.49 19.40 5.67
N ALA B 192 0.14 19.15 6.93
CA ALA B 192 1.08 18.49 7.84
C ALA B 192 1.58 17.20 7.22
N PHE B 193 2.91 17.05 7.17
CA PHE B 193 3.63 15.86 6.71
C PHE B 193 3.66 15.71 5.18
N GLU B 194 3.25 16.73 4.43
CA GLU B 194 3.52 16.78 3.00
C GLU B 194 4.86 17.48 2.78
N VAL B 195 5.78 16.81 2.08
CA VAL B 195 7.12 17.35 1.91
C VAL B 195 7.06 18.61 1.05
N ASP B 196 7.67 19.69 1.54
CA ASP B 196 7.77 20.94 0.80
C ASP B 196 9.01 20.87 -0.07
N HIS B 197 8.82 20.66 -1.37
CA HIS B 197 9.96 20.48 -2.27
C HIS B 197 10.69 21.78 -2.56
N ASN B 198 10.14 22.94 -2.17
CA ASN B 198 10.66 24.24 -2.58
C ASN B 198 10.81 24.29 -4.10
N ASP B 199 9.87 23.63 -4.78
CA ASP B 199 9.88 23.41 -6.21
C ASP B 199 9.00 24.38 -6.97
N GLY B 200 8.32 25.29 -6.26
CA GLY B 200 7.35 26.15 -6.92
C GLY B 200 8.02 27.27 -7.70
N TRP B 201 7.53 27.49 -8.92
CA TRP B 201 7.99 28.62 -9.72
C TRP B 201 6.83 29.15 -10.55
N LEU B 202 6.92 30.45 -10.84
CA LEU B 202 6.12 31.12 -11.87
C LEU B 202 7.10 31.56 -12.95
N LEU B 203 6.99 30.91 -14.12
CA LEU B 203 7.86 31.25 -15.27
C LEU B 203 7.05 32.04 -16.29
N SER B 204 7.59 33.17 -16.72
CA SER B 204 6.93 34.03 -17.74
C SER B 204 7.57 33.72 -19.10
N ALA B 205 6.84 33.91 -20.19
CA ALA B 205 7.43 33.65 -21.54
C ALA B 205 8.43 34.76 -21.88
N ASP B 206 8.21 35.96 -21.32
CA ASP B 206 9.04 37.17 -21.47
C ASP B 206 10.35 37.12 -20.64
N GLY B 207 10.63 36.03 -19.91
CA GLY B 207 11.91 35.88 -19.20
C GLY B 207 11.85 36.20 -17.72
N THR B 208 10.73 35.90 -17.06
CA THR B 208 10.67 36.14 -15.61
C THR B 208 10.42 34.80 -14.90
N GLU B 209 11.21 34.48 -13.87
CA GLU B 209 11.01 33.36 -12.98
C GLU B 209 10.81 33.90 -11.57
N SER B 210 9.75 33.46 -10.89
CA SER B 210 9.47 33.88 -9.53
C SER B 210 9.15 32.66 -8.68
N ALA B 211 9.76 32.57 -7.50
CA ALA B 211 9.54 31.42 -6.64
C ALA B 211 8.12 31.41 -6.08
N LEU B 212 7.49 30.25 -6.10
CA LEU B 212 6.14 30.07 -5.57
C LEU B 212 6.26 29.49 -4.17
N GLU B 213 6.02 30.32 -3.15
CA GLU B 213 5.94 29.82 -1.79
C GLU B 213 4.85 28.76 -1.70
N HIS B 214 5.15 27.66 -1.02
CA HIS B 214 4.22 26.53 -0.93
C HIS B 214 3.35 26.71 0.30
N GLY B 215 2.39 27.63 0.18
CA GLY B 215 1.43 27.87 1.24
C GLY B 215 0.06 27.32 0.89
N SER B 216 -0.99 28.00 1.36
CA SER B 216 -2.36 27.60 1.08
C SER B 216 -2.65 27.68 -0.42
N LYS B 217 -3.69 26.97 -0.83
CA LYS B 217 -4.16 27.10 -2.22
C LYS B 217 -4.53 28.54 -2.53
N THR B 218 -5.01 29.29 -1.53
CA THR B 218 -5.41 30.67 -1.76
C THR B 218 -4.20 31.58 -1.94
N LEU B 219 -3.17 31.44 -1.10
CA LEU B 219 -2.00 32.27 -1.33
C LEU B 219 -1.36 31.94 -2.68
N MET B 220 -1.39 30.67 -3.09
CA MET B 220 -0.84 30.35 -4.40
C MET B 220 -1.69 30.99 -5.51
N ALA B 221 -3.02 30.86 -5.43
CA ALA B 221 -3.88 31.48 -6.45
C ALA B 221 -3.67 32.98 -6.50
N THR B 222 -3.48 33.62 -5.34
CA THR B 222 -3.21 35.05 -5.32
C THR B 222 -1.93 35.37 -6.09
N ARG B 223 -0.86 34.61 -5.84
CA ARG B 223 0.40 34.81 -6.56
C ARG B 223 0.22 34.56 -8.05
N ILE B 224 -0.54 33.53 -8.42
CA ILE B 224 -0.76 33.24 -9.82
C ILE B 224 -1.49 34.39 -10.50
N VAL B 225 -2.53 34.92 -9.85
CA VAL B 225 -3.29 35.98 -10.49
C VAL B 225 -2.49 37.28 -10.49
N ASP B 226 -1.67 37.53 -9.46
CA ASP B 226 -0.78 38.69 -9.49
C ASP B 226 0.10 38.66 -10.73
N SER B 227 0.59 37.46 -11.10
CA SER B 227 1.45 37.33 -12.26
C SER B 227 0.67 37.52 -13.55
N ILE B 228 -0.54 37.01 -13.62
CA ILE B 228 -1.36 37.24 -14.82
C ILE B 228 -1.61 38.72 -15.00
N ALA B 229 -1.94 39.42 -13.91
CA ALA B 229 -2.24 40.85 -14.01
C ALA B 229 -1.00 41.67 -14.39
N ALA B 230 0.16 41.28 -13.89
CA ALA B 230 1.36 42.00 -14.28
C ALA B 230 1.77 41.64 -15.69
N PHE B 231 1.41 40.44 -16.18
CA PHE B 231 1.71 40.10 -17.56
C PHE B 231 0.81 40.85 -18.53
N LEU B 232 -0.47 41.01 -18.17
CA LEU B 232 -1.41 41.73 -19.05
C LEU B 232 -1.04 43.20 -19.19
N LYS B 233 -0.79 43.89 -18.08
CA LYS B 233 -0.45 45.30 -18.18
C LYS B 233 0.91 45.52 -18.80
N SER B 234 1.77 44.48 -18.80
CA SER B 234 3.01 44.55 -19.57
C SER B 234 2.74 44.76 -21.05
N GLN B 235 1.63 44.25 -21.55
CA GLN B 235 1.22 44.47 -22.94
C GLN B 235 0.66 45.88 -23.10
N HIS C 7 4.63 9.38 40.60
CA HIS C 7 4.14 8.05 40.24
C HIS C 7 3.46 8.10 38.88
N HIS C 8 2.59 9.09 38.69
CA HIS C 8 1.85 9.26 37.42
C HIS C 8 2.06 10.66 36.85
N ASP C 9 3.31 11.03 36.59
CA ASP C 9 3.64 12.38 36.05
C ASP C 9 2.99 12.57 34.69
N MET C 10 2.97 11.53 33.86
CA MET C 10 2.43 11.57 32.48
C MET C 10 0.90 11.41 32.40
N ALA C 11 0.15 11.57 33.48
CA ALA C 11 -1.30 11.38 33.31
C ALA C 11 -1.86 12.50 32.41
N GLY C 12 -2.80 12.15 31.55
CA GLY C 12 -3.42 13.14 30.66
C GLY C 12 -2.65 13.36 29.37
N VAL C 13 -1.37 12.99 29.34
CA VAL C 13 -0.55 13.18 28.16
C VAL C 13 -0.91 12.16 27.10
N LYS C 14 -1.09 12.62 25.87
CA LYS C 14 -1.28 11.75 24.72
C LYS C 14 0.07 11.57 24.04
N ALA C 15 0.54 10.34 23.97
CA ALA C 15 1.84 10.06 23.38
C ALA C 15 1.64 9.18 22.15
N LEU C 16 2.34 9.54 21.08
CA LEU C 16 2.39 8.78 19.84
C LEU C 16 3.82 8.28 19.66
N VAL C 17 3.98 6.95 19.59
CA VAL C 17 5.28 6.31 19.51
C VAL C 17 5.31 5.47 18.23
N THR C 18 6.43 5.50 17.51
CA THR C 18 6.66 4.56 16.43
C THR C 18 7.81 3.63 16.79
N ALA C 19 7.74 2.40 16.29
CA ALA C 19 8.78 1.44 16.64
C ALA C 19 8.84 0.38 15.56
N GLY C 20 10.00 -0.26 15.44
CA GLY C 20 10.18 -1.31 14.46
C GLY C 20 10.73 -0.78 13.15
N GLY C 21 11.08 -1.72 12.26
CA GLY C 21 11.57 -1.36 10.95
C GLY C 21 10.45 -1.40 9.94
N THR C 22 10.63 -0.72 8.83
CA THR C 22 9.63 -0.79 7.79
C THR C 22 10.12 -1.75 6.72
N ARG C 23 9.19 -2.23 5.90
CA ARG C 23 9.53 -3.13 4.81
C ARG C 23 8.99 -2.52 3.52
N GLU C 24 9.86 -2.37 2.54
CA GLU C 24 9.51 -1.68 1.32
C GLU C 24 9.36 -2.70 0.20
N PRO C 25 8.14 -3.01 -0.22
CA PRO C 25 7.93 -4.11 -1.16
C PRO C 25 8.62 -3.88 -2.49
N LEU C 26 9.06 -4.98 -3.09
CA LEU C 26 9.60 -5.05 -4.48
C LEU C 26 8.51 -5.72 -5.31
N ASP C 27 7.83 -6.66 -4.68
CA ASP C 27 6.69 -7.42 -5.22
C ASP C 27 5.89 -7.96 -4.03
N PRO C 28 4.92 -8.88 -4.20
CA PRO C 28 4.17 -9.35 -3.06
C PRO C 28 4.96 -10.14 -2.01
N VAL C 29 6.08 -10.76 -2.41
CA VAL C 29 6.88 -11.63 -1.51
C VAL C 29 8.28 -11.07 -1.18
N ARG C 30 8.82 -10.13 -1.95
CA ARG C 30 10.16 -9.60 -1.67
C ARG C 30 10.07 -8.15 -1.20
N PHE C 31 11.07 -7.73 -0.41
CA PHE C 31 11.08 -6.38 0.15
C PHE C 31 12.49 -6.01 0.56
N ILE C 32 12.70 -4.71 0.76
CA ILE C 32 13.90 -4.19 1.42
C ILE C 32 13.55 -3.93 2.87
N GLY C 33 14.35 -4.47 3.79
CA GLY C 33 14.01 -4.30 5.20
C GLY C 33 15.24 -3.97 6.02
N ASN C 34 15.13 -3.93 7.34
CA ASN C 34 16.28 -3.64 8.16
C ASN C 34 16.18 -4.44 9.45
N ARG C 35 17.24 -4.41 10.25
CA ARG C 35 17.42 -5.35 11.33
C ARG C 35 16.87 -4.85 12.66
N SER C 36 16.19 -3.71 12.67
CA SER C 36 15.68 -3.14 13.92
C SER C 36 14.65 -4.07 14.58
N SER C 37 14.77 -4.24 15.89
CA SER C 37 13.93 -5.17 16.63
C SER C 37 12.66 -4.53 17.18
N GLY C 38 12.58 -3.20 17.23
CA GLY C 38 11.48 -2.49 17.86
C GLY C 38 11.54 -2.43 19.37
N LYS C 39 12.52 -3.07 20.00
CA LYS C 39 12.50 -3.23 21.46
C LYS C 39 12.55 -1.88 22.17
N GLN C 40 13.42 -0.97 21.71
CA GLN C 40 13.59 0.28 22.44
C GLN C 40 12.33 1.15 22.33
N GLY C 41 11.68 1.12 21.16
CA GLY C 41 10.44 1.85 20.98
C GLY C 41 9.30 1.31 21.83
N TYR C 42 9.17 -0.02 21.89
CA TYR C 42 8.18 -0.64 22.77
C TYR C 42 8.45 -0.31 24.22
N ALA C 43 9.73 -0.31 24.63
CA ALA C 43 10.06 -0.02 26.03
C ALA C 43 9.59 1.38 26.41
N VAL C 44 9.80 2.35 25.52
CA VAL C 44 9.38 3.71 25.80
C VAL C 44 7.86 3.79 25.90
N ALA C 45 7.16 3.11 24.98
CA ALA C 45 5.69 3.08 25.04
C ALA C 45 5.22 2.49 26.37
N ARG C 46 5.86 1.41 26.82
CA ARG C 46 5.47 0.78 28.09
C ARG C 46 5.66 1.73 29.26
N VAL C 47 6.82 2.40 29.30
CA VAL C 47 7.12 3.26 30.43
C VAL C 47 6.16 4.46 30.44
N LEU C 48 5.88 5.03 29.27
CA LEU C 48 4.87 6.08 29.18
C LEU C 48 3.54 5.59 29.74
N ALA C 49 3.11 4.40 29.33
CA ALA C 49 1.83 3.86 29.80
C ALA C 49 1.87 3.58 31.30
N GLN C 50 2.98 3.04 31.78
CA GLN C 50 3.09 2.77 33.19
C GLN C 50 2.97 4.06 34.01
N ARG C 51 3.39 5.18 33.43
CA ARG C 51 3.34 6.45 34.15
C ARG C 51 2.09 7.26 33.84
N GLY C 52 1.11 6.67 33.15
CA GLY C 52 -0.23 7.22 33.05
C GLY C 52 -0.61 7.82 31.71
N ALA C 53 0.32 7.88 30.76
CA ALA C 53 0.01 8.47 29.45
C ALA C 53 -1.00 7.63 28.69
N ASP C 54 -1.74 8.29 27.81
CA ASP C 54 -2.56 7.60 26.82
C ASP C 54 -1.68 7.38 25.60
N VAL C 55 -1.31 6.13 25.34
CA VAL C 55 -0.25 5.83 24.38
C VAL C 55 -0.84 5.15 23.17
N THR C 56 -0.46 5.64 21.98
CA THR C 56 -0.72 4.99 20.71
C THR C 56 0.62 4.58 20.12
N LEU C 57 0.74 3.33 19.70
CA LEU C 57 2.02 2.79 19.26
C LEU C 57 1.88 2.29 17.84
N ILE C 58 2.54 2.95 16.92
CA ILE C 58 2.59 2.54 15.51
C ILE C 58 3.82 1.64 15.33
N ALA C 59 3.59 0.38 14.98
CA ALA C 59 4.66 -0.60 14.92
C ALA C 59 4.85 -1.13 13.51
N GLY C 60 6.09 -1.14 13.03
CA GLY C 60 6.44 -1.89 11.83
C GLY C 60 6.87 -3.31 12.18
N ASN C 61 7.85 -3.86 11.47
CA ASN C 61 8.34 -5.21 11.75
C ASN C 61 9.16 -5.19 13.04
N THR C 62 8.93 -6.18 13.91
CA THR C 62 9.65 -6.26 15.18
C THR C 62 10.14 -7.69 15.38
N ALA C 63 10.96 -7.88 16.41
CA ALA C 63 11.43 -9.23 16.75
C ALA C 63 10.37 -9.99 17.56
N GLY C 64 9.19 -10.14 16.95
CA GLY C 64 8.09 -10.87 17.55
C GLY C 64 7.62 -10.31 18.88
N LEU C 65 7.43 -8.99 18.96
CA LEU C 65 7.00 -8.36 20.21
C LEU C 65 5.48 -8.39 20.31
N ILE C 66 4.97 -8.42 21.54
CA ILE C 66 3.53 -8.47 21.75
C ILE C 66 3.03 -7.07 22.10
N ASP C 67 1.74 -6.86 21.86
CA ASP C 67 1.07 -5.60 22.15
C ASP C 67 1.14 -5.31 23.64
N PRO C 68 1.73 -4.19 24.05
CA PRO C 68 1.73 -3.84 25.48
C PRO C 68 0.32 -3.51 25.97
N ALA C 69 0.03 -3.89 27.21
CA ALA C 69 -1.29 -3.66 27.78
C ALA C 69 -1.58 -2.17 27.90
N GLY C 70 -2.83 -1.79 27.66
CA GLY C 70 -3.26 -0.41 27.74
C GLY C 70 -2.78 0.49 26.62
N VAL C 71 -2.05 -0.05 25.64
CA VAL C 71 -1.52 0.71 24.52
C VAL C 71 -2.36 0.45 23.28
N GLU C 72 -2.76 1.51 22.58
CA GLU C 72 -3.48 1.40 21.31
C GLU C 72 -2.50 1.10 20.18
N MET C 73 -2.66 -0.06 19.54
CA MET C 73 -1.72 -0.55 18.55
C MET C 73 -2.16 -0.17 17.13
N VAL C 74 -1.20 0.23 16.31
CA VAL C 74 -1.40 0.51 14.89
C VAL C 74 -0.27 -0.19 14.17
N HIS C 75 -0.58 -1.24 13.42
CA HIS C 75 0.42 -2.01 12.71
C HIS C 75 0.52 -1.52 11.28
N ILE C 76 1.75 -1.23 10.82
CA ILE C 76 1.98 -0.74 9.46
C ILE C 76 3.07 -1.58 8.80
N GLY C 77 3.14 -1.49 7.47
CA GLY C 77 4.17 -2.21 6.72
C GLY C 77 5.30 -1.32 6.20
N SER C 78 4.99 -0.41 5.28
CA SER C 78 6.01 0.38 4.62
C SER C 78 6.21 1.72 5.31
N ALA C 79 7.24 2.45 4.86
CA ALA C 79 7.48 3.80 5.36
C ALA C 79 6.36 4.76 4.98
N THR C 80 5.76 4.56 3.80
CA THR C 80 4.63 5.39 3.40
C THR C 80 3.43 5.16 4.32
N GLN C 81 3.17 3.91 4.67
CA GLN C 81 2.07 3.62 5.58
C GLN C 81 2.37 4.18 6.98
N LEU C 82 3.64 4.16 7.39
CA LEU C 82 3.96 4.75 8.68
C LEU C 82 3.71 6.26 8.68
N ARG C 83 4.14 6.95 7.62
CA ARG C 83 3.87 8.38 7.48
C ARG C 83 2.37 8.67 7.52
N ASP C 84 1.57 7.86 6.83
CA ASP C 84 0.12 8.10 6.83
C ASP C 84 -0.48 7.92 8.22
N ALA C 85 0.02 6.94 8.98
CA ALA C 85 -0.51 6.69 10.31
C ALA C 85 -0.09 7.79 11.27
N VAL C 86 1.18 8.24 11.17
CA VAL C 86 1.62 9.34 12.01
C VAL C 86 0.83 10.61 11.70
N SER C 87 0.66 10.92 10.41
CA SER C 87 -0.14 12.08 10.04
C SER C 87 -1.57 11.98 10.59
N LYS C 88 -2.15 10.78 10.56
CA LYS C 88 -3.52 10.63 11.04
C LYS C 88 -3.60 10.87 12.54
N HIS C 89 -2.62 10.37 13.30
CA HIS C 89 -2.69 10.42 14.75
C HIS C 89 -2.00 11.62 15.37
N ALA C 90 -1.15 12.34 14.62
CA ALA C 90 -0.38 13.40 15.23
C ALA C 90 -1.21 14.56 15.79
N PRO C 91 -2.31 15.00 15.17
CA PRO C 91 -3.03 16.16 15.73
C PRO C 91 -3.48 15.97 17.17
N ASP C 92 -3.72 14.73 17.61
CA ASP C 92 -4.16 14.47 18.98
C ASP C 92 -3.01 14.33 19.97
N ALA C 93 -1.79 14.13 19.51
CA ALA C 93 -0.70 13.80 20.41
C ALA C 93 -0.09 15.04 21.04
N ASN C 94 0.38 14.88 22.29
CA ASN C 94 1.22 15.87 22.94
C ASN C 94 2.70 15.55 22.82
N VAL C 95 3.03 14.29 22.56
CA VAL C 95 4.39 13.80 22.49
C VAL C 95 4.47 12.87 21.29
N LEU C 96 5.51 13.04 20.48
CA LEU C 96 5.84 12.12 19.39
C LEU C 96 7.22 11.53 19.65
N VAL C 97 7.30 10.20 19.70
CA VAL C 97 8.56 9.48 19.90
C VAL C 97 8.79 8.67 18.62
N MET C 98 9.70 9.14 17.77
CA MET C 98 10.00 8.49 16.50
C MET C 98 11.14 7.49 16.75
N ALA C 99 10.80 6.30 17.27
CA ALA C 99 11.82 5.28 17.46
C ALA C 99 11.90 4.28 16.32
N ALA C 100 11.03 4.40 15.31
CA ALA C 100 11.03 3.46 14.19
C ALA C 100 12.28 3.65 13.33
N ALA C 101 12.75 2.54 12.76
CA ALA C 101 13.81 2.56 11.75
C ALA C 101 13.12 2.69 10.41
N VAL C 102 12.87 3.92 10.00
CA VAL C 102 12.09 4.19 8.80
C VAL C 102 12.98 3.99 7.58
N ALA C 103 12.54 3.16 6.64
CA ALA C 103 13.35 2.95 5.44
C ALA C 103 13.55 4.27 4.71
N ASP C 104 14.79 4.53 4.32
CA ASP C 104 15.11 5.79 3.66
C ASP C 104 14.65 5.83 2.21
N PHE C 105 14.52 4.68 1.55
CA PHE C 105 14.16 4.65 0.14
C PHE C 105 13.18 3.51 -0.09
N ARG C 106 12.48 3.57 -1.22
CA ARG C 106 11.67 2.46 -1.66
C ARG C 106 11.94 2.19 -3.14
N PRO C 107 11.70 0.96 -3.58
CA PRO C 107 11.84 0.64 -5.00
C PRO C 107 10.97 1.54 -5.86
N ALA C 108 11.50 1.89 -7.02
CA ALA C 108 10.84 2.76 -7.97
C ALA C 108 9.68 2.09 -8.71
N HIS C 109 9.66 0.76 -8.76
CA HIS C 109 8.56 0.01 -9.36
C HIS C 109 8.25 -1.17 -8.47
N VAL C 110 6.96 -1.49 -8.34
CA VAL C 110 6.52 -2.65 -7.56
C VAL C 110 5.67 -3.51 -8.47
N ALA C 111 5.99 -4.80 -8.52
CA ALA C 111 5.22 -5.74 -9.32
C ALA C 111 4.06 -6.28 -8.52
N ALA C 112 2.92 -6.44 -9.19
CA ALA C 112 1.72 -6.99 -8.55
C ALA C 112 1.78 -8.51 -8.46
N ALA C 113 2.70 -9.15 -9.17
CA ALA C 113 2.94 -10.58 -9.12
C ALA C 113 4.43 -10.84 -8.92
N LYS C 114 4.75 -12.01 -8.38
CA LYS C 114 6.15 -12.37 -8.13
C LYS C 114 6.95 -12.31 -9.42
N ILE C 115 8.14 -11.72 -9.34
CA ILE C 115 8.97 -11.41 -10.50
C ILE C 115 9.82 -12.63 -10.84
N LYS C 116 9.45 -13.34 -11.89
CA LYS C 116 10.20 -14.53 -12.33
C LYS C 116 11.42 -14.15 -13.17
N SER C 123 18.69 -6.39 -13.64
CA SER C 123 19.93 -6.56 -12.91
C SER C 123 20.23 -5.41 -11.94
N SER C 124 19.22 -4.58 -11.65
CA SER C 124 19.42 -3.51 -10.69
C SER C 124 18.05 -3.01 -10.25
N ILE C 125 18.03 -2.35 -9.09
CA ILE C 125 16.81 -1.84 -8.50
C ILE C 125 16.96 -0.33 -8.34
N ASP C 126 16.14 0.42 -9.05
CA ASP C 126 16.11 1.86 -8.85
C ASP C 126 15.27 2.21 -7.63
N LEU C 127 15.65 3.30 -6.98
CA LEU C 127 15.11 3.70 -5.69
C LEU C 127 14.51 5.09 -5.76
N VAL C 128 13.56 5.34 -4.85
CA VAL C 128 12.94 6.64 -4.68
C VAL C 128 12.96 6.96 -3.20
N ARG C 129 13.19 8.23 -2.86
CA ARG C 129 13.36 8.64 -1.48
C ARG C 129 12.03 8.69 -0.73
N ASN C 130 11.99 8.12 0.47
CA ASN C 130 10.80 8.25 1.30
C ASN C 130 10.83 9.58 2.05
N ASP C 131 9.66 10.08 2.42
CA ASP C 131 9.62 11.33 3.17
C ASP C 131 10.16 11.13 4.59
N ASP C 132 10.82 12.18 5.09
CA ASP C 132 11.28 12.20 6.48
C ASP C 132 10.10 12.55 7.39
N VAL C 133 9.58 11.56 8.12
CA VAL C 133 8.37 11.75 8.93
C VAL C 133 8.68 12.61 10.16
N LEU C 134 9.81 12.34 10.83
CA LEU C 134 10.23 13.17 11.95
C LEU C 134 10.40 14.63 11.55
N ALA C 135 11.14 14.88 10.47
CA ALA C 135 11.30 16.25 9.98
C ALA C 135 9.96 16.87 9.60
N GLY C 136 9.02 16.04 9.12
CA GLY C 136 7.70 16.55 8.79
C GLY C 136 6.93 17.03 10.01
N ALA C 137 7.07 16.33 11.13
CA ALA C 137 6.40 16.76 12.36
C ALA C 137 7.04 18.04 12.92
N VAL C 138 8.37 18.13 12.87
CA VAL C 138 9.05 19.37 13.28
C VAL C 138 8.56 20.55 12.45
N ARG C 139 8.47 20.37 11.13
CA ARG C 139 8.00 21.46 10.28
C ARG C 139 6.53 21.78 10.54
N ALA C 140 5.71 20.74 10.69
CA ALA C 140 4.29 20.98 10.92
C ALA C 140 4.07 21.74 12.22
N ARG C 141 4.82 21.38 13.28
CA ARG C 141 4.71 22.11 14.53
C ARG C 141 5.17 23.56 14.36
N ALA C 142 6.26 23.77 13.61
CA ALA C 142 6.77 25.12 13.43
C ALA C 142 5.78 25.99 12.66
N ASP C 143 5.05 25.41 11.70
CA ASP C 143 4.05 26.13 10.91
C ASP C 143 2.70 26.25 11.58
N GLY C 144 2.58 25.85 12.86
CA GLY C 144 1.34 26.06 13.57
C GLY C 144 0.31 24.96 13.40
N GLN C 145 0.65 23.84 12.78
CA GLN C 145 -0.31 22.80 12.46
C GLN C 145 -0.48 21.79 13.58
N LEU C 146 0.41 21.77 14.56
CA LEU C 146 0.32 20.83 15.66
C LEU C 146 0.40 21.55 16.99
N PRO C 147 -0.62 22.32 17.35
CA PRO C 147 -0.53 23.11 18.57
C PRO C 147 -0.49 22.28 19.83
N ASN C 148 -1.02 21.06 19.84
CA ASN C 148 -0.96 20.21 21.03
C ASN C 148 0.40 19.55 21.21
N MET C 149 1.26 19.58 20.20
CA MET C 149 2.52 18.83 20.21
C MET C 149 3.56 19.58 21.04
N ARG C 150 3.89 19.06 22.22
CA ARG C 150 4.83 19.74 23.09
C ARG C 150 6.24 19.14 23.09
N ALA C 151 6.41 17.90 22.67
CA ALA C 151 7.75 17.32 22.60
C ALA C 151 7.84 16.37 21.43
N ILE C 152 8.85 16.55 20.59
CA ILE C 152 9.13 15.67 19.46
C ILE C 152 10.52 15.05 19.68
N VAL C 153 10.59 13.72 19.71
CA VAL C 153 11.79 12.98 20.10
C VAL C 153 12.21 12.12 18.93
N GLY C 154 13.48 12.22 18.50
CA GLY C 154 14.01 11.32 17.51
C GLY C 154 15.03 10.37 18.13
N PHE C 155 15.37 9.34 17.34
CA PHE C 155 16.28 8.28 17.72
C PHE C 155 17.33 8.14 16.63
N ALA C 156 18.57 7.86 17.02
CA ALA C 156 19.62 7.70 16.02
C ALA C 156 20.66 6.72 16.52
N ALA C 157 21.18 5.90 15.62
CA ALA C 157 22.35 5.06 15.89
C ALA C 157 23.52 5.65 15.11
N GLU C 158 24.54 6.14 15.82
CA GLU C 158 25.61 6.89 15.17
C GLU C 158 26.95 6.17 15.34
N THR C 159 27.83 6.37 14.38
CA THR C 159 29.17 5.81 14.43
C THR C 159 30.15 6.87 13.95
N GLY C 160 31.41 6.74 14.39
CA GLY C 160 32.45 7.59 13.84
C GLY C 160 33.03 7.00 12.57
N ASP C 161 33.62 7.85 11.74
CA ASP C 161 34.17 7.45 10.45
C ASP C 161 35.15 8.51 9.99
N ALA C 162 35.60 8.42 8.73
CA ALA C 162 36.59 9.38 8.24
C ALA C 162 36.02 10.78 8.08
N ASN C 163 34.70 10.95 8.17
CA ASN C 163 34.10 12.28 8.08
C ASN C 163 33.77 12.89 9.44
N GLY C 164 34.02 12.21 10.53
CA GLY C 164 33.79 12.81 11.83
C GLY C 164 33.57 11.77 12.90
N ASP C 165 33.89 12.14 14.13
CA ASP C 165 33.66 11.25 15.27
C ASP C 165 32.16 11.13 15.52
N VAL C 166 31.82 10.23 16.44
CA VAL C 166 30.42 9.84 16.58
C VAL C 166 29.59 10.99 17.16
N LEU C 167 30.13 11.73 18.13
CA LEU C 167 29.39 12.85 18.70
C LEU C 167 29.19 13.97 17.68
N PHE C 168 30.22 14.24 16.85
CA PHE C 168 30.06 15.22 15.78
C PHE C 168 28.90 14.86 14.86
N HIS C 169 28.80 13.59 14.47
CA HIS C 169 27.67 13.19 13.62
C HIS C 169 26.35 13.29 14.36
N ALA C 170 26.35 12.96 15.65
CA ALA C 170 25.09 13.00 16.40
C ALA C 170 24.59 14.44 16.56
N ARG C 171 25.51 15.38 16.81
CA ARG C 171 25.13 16.79 16.93
C ARG C 171 24.62 17.33 15.60
N ALA C 172 25.25 16.95 14.49
CA ALA C 172 24.76 17.37 13.19
C ALA C 172 23.34 16.87 12.94
N LYS C 173 23.04 15.65 13.38
CA LYS C 173 21.72 15.07 13.16
C LYS C 173 20.64 15.77 13.99
N LEU C 174 20.93 16.08 15.25
CA LEU C 174 20.01 16.90 16.05
C LEU C 174 19.73 18.23 15.35
N GLU C 175 20.78 18.89 14.85
CA GLU C 175 20.61 20.17 14.16
C GLU C 175 19.80 20.01 12.88
N ARG C 176 20.05 18.95 12.12
CA ARG C 176 19.36 18.77 10.84
C ARG C 176 17.89 18.42 11.04
N LYS C 177 17.58 17.61 12.06
CA LYS C 177 16.20 17.22 12.35
C LYS C 177 15.43 18.34 13.02
N GLY C 178 16.08 19.06 13.94
CA GLY C 178 15.39 20.12 14.64
C GLY C 178 14.39 19.64 15.67
N CYS C 179 14.48 18.40 16.12
CA CYS C 179 13.56 17.90 17.14
C CYS C 179 14.00 18.36 18.54
N ASP C 180 13.13 18.11 19.52
CA ASP C 180 13.38 18.60 20.88
C ASP C 180 14.44 17.76 21.60
N LEU C 181 14.50 16.46 21.30
CA LEU C 181 15.43 15.56 21.96
C LEU C 181 15.84 14.50 20.95
N LEU C 182 17.13 14.19 20.89
CA LEU C 182 17.62 13.10 20.04
C LEU C 182 18.26 12.07 20.95
N VAL C 183 17.73 10.85 20.92
CA VAL C 183 18.30 9.74 21.68
C VAL C 183 19.33 9.08 20.78
N VAL C 184 20.59 9.10 21.21
CA VAL C 184 21.69 8.65 20.36
C VAL C 184 22.30 7.39 20.96
N ASN C 185 22.29 6.31 20.19
CA ASN C 185 23.05 5.13 20.55
C ASN C 185 24.36 5.13 19.77
N ALA C 186 25.47 5.02 20.50
CA ALA C 186 26.79 4.91 19.88
C ALA C 186 27.07 3.45 19.54
N VAL C 187 27.33 3.18 18.27
CA VAL C 187 27.57 1.82 17.78
C VAL C 187 29.06 1.51 17.73
N ASN C 198 27.88 0.55 23.52
CA ASN C 198 27.66 0.53 24.96
C ASN C 198 26.82 1.71 25.41
N ASP C 199 27.40 2.91 25.36
CA ASP C 199 26.80 4.10 25.94
C ASP C 199 26.00 4.87 24.88
N GLY C 200 25.60 6.09 25.21
CA GLY C 200 24.93 6.93 24.27
C GLY C 200 24.76 8.31 24.84
N TRP C 201 23.87 9.09 24.23
CA TRP C 201 23.58 10.43 24.72
C TRP C 201 22.11 10.77 24.53
N LEU C 202 21.64 11.63 25.43
CA LEU C 202 20.43 12.43 25.21
C LEU C 202 20.90 13.83 24.82
N LEU C 203 20.62 14.22 23.58
CA LEU C 203 20.95 15.55 23.08
C LEU C 203 19.67 16.37 23.00
N SER C 204 19.63 17.49 23.69
CA SER C 204 18.47 18.37 23.73
C SER C 204 18.63 19.55 22.77
N ALA C 205 17.49 20.06 22.29
CA ALA C 205 17.52 21.16 21.32
C ALA C 205 18.08 22.45 21.89
N ASP C 206 18.14 22.61 23.22
CA ASP C 206 18.77 23.79 23.81
C ASP C 206 20.27 23.63 23.99
N GLY C 207 20.84 22.50 23.55
CA GLY C 207 22.27 22.28 23.61
C GLY C 207 22.73 21.35 24.71
N THR C 208 21.84 20.96 25.63
CA THR C 208 22.23 20.04 26.69
C THR C 208 22.61 18.68 26.13
N GLU C 209 23.63 18.06 26.69
CA GLU C 209 24.04 16.70 26.32
C GLU C 209 24.23 15.89 27.59
N SER C 210 23.52 14.76 27.68
CA SER C 210 23.63 13.85 28.82
C SER C 210 24.04 12.48 28.32
N ALA C 211 25.03 11.89 28.99
CA ALA C 211 25.42 10.53 28.68
C ALA C 211 24.31 9.55 29.04
N LEU C 212 24.12 8.53 28.21
CA LEU C 212 23.18 7.45 28.48
C LEU C 212 23.99 6.23 28.88
N GLU C 213 23.95 5.88 30.16
CA GLU C 213 24.64 4.68 30.63
C GLU C 213 23.94 3.44 30.10
N HIS C 214 24.73 2.44 29.73
CA HIS C 214 24.19 1.18 29.25
C HIS C 214 23.47 0.43 30.37
N GLY C 215 22.32 -0.13 30.05
CA GLY C 215 21.56 -0.93 30.99
C GLY C 215 20.39 -1.63 30.32
N SER C 216 19.35 -1.93 31.09
CA SER C 216 18.13 -2.52 30.57
C SER C 216 17.53 -1.64 29.47
N LYS C 217 16.65 -2.22 28.65
CA LYS C 217 15.86 -1.37 27.76
C LYS C 217 14.91 -0.48 28.56
N THR C 218 14.40 -0.98 29.69
CA THR C 218 13.47 -0.22 30.53
C THR C 218 14.17 0.87 31.33
N LEU C 219 15.43 0.66 31.73
CA LEU C 219 16.17 1.71 32.42
C LEU C 219 16.51 2.86 31.46
N MET C 220 16.98 2.53 30.25
CA MET C 220 17.14 3.57 29.24
C MET C 220 15.81 4.23 28.91
N ALA C 221 14.74 3.42 28.81
CA ALA C 221 13.41 3.97 28.55
C ALA C 221 12.95 4.85 29.71
N THR C 222 13.32 4.49 30.94
CA THR C 222 13.00 5.35 32.08
C THR C 222 13.71 6.69 31.98
N ARG C 223 14.98 6.68 31.62
CA ARG C 223 15.73 7.93 31.46
C ARG C 223 15.19 8.76 30.29
N ILE C 224 14.83 8.11 29.18
CA ILE C 224 14.25 8.84 28.05
C ILE C 224 12.98 9.55 28.49
N VAL C 225 12.13 8.83 29.23
CA VAL C 225 10.82 9.38 29.59
C VAL C 225 10.98 10.42 30.69
N ASP C 226 11.90 10.19 31.64
CA ASP C 226 12.32 11.26 32.56
C ASP C 226 12.66 12.54 31.80
N SER C 227 13.47 12.42 30.75
CA SER C 227 13.86 13.61 29.98
C SER C 227 12.67 14.22 29.27
N ILE C 228 11.75 13.40 28.76
CA ILE C 228 10.54 13.95 28.16
C ILE C 228 9.71 14.69 29.21
N ALA C 229 9.51 14.06 30.37
CA ALA C 229 8.82 14.71 31.47
C ALA C 229 9.43 16.07 31.78
N ALA C 230 10.73 16.09 32.10
CA ALA C 230 11.39 17.35 32.44
C ALA C 230 11.19 18.39 31.35
N PHE C 231 11.31 17.98 30.09
CA PHE C 231 11.08 18.90 28.98
C PHE C 231 9.66 19.47 29.03
N LEU C 232 8.67 18.60 29.24
CA LEU C 232 7.27 19.05 29.31
C LEU C 232 6.99 19.95 30.50
N LYS C 233 7.90 20.01 31.48
CA LYS C 233 7.69 20.86 32.66
C LYS C 233 8.34 22.23 32.54
N SER C 234 9.37 22.36 31.72
CA SER C 234 10.14 23.60 31.62
C SER C 234 9.81 24.42 30.38
N GLN C 235 9.62 23.77 29.24
CA GLN C 235 9.41 24.44 27.96
C GLN C 235 8.25 25.43 27.99
N HIS D 7 3.81 -46.32 11.83
CA HIS D 7 4.65 -46.34 10.65
C HIS D 7 5.89 -45.46 10.83
N HIS D 8 6.96 -46.05 11.36
CA HIS D 8 8.26 -45.39 11.40
C HIS D 8 8.99 -45.63 10.09
N ASP D 9 8.37 -45.15 9.01
CA ASP D 9 8.80 -45.53 7.68
C ASP D 9 10.07 -44.81 7.23
N MET D 10 10.56 -43.84 7.99
CA MET D 10 11.82 -43.18 7.68
C MET D 10 12.93 -43.51 8.68
N ALA D 11 12.85 -44.67 9.34
CA ALA D 11 13.93 -45.09 10.22
C ALA D 11 15.20 -45.32 9.41
N GLY D 12 16.32 -44.84 9.94
CA GLY D 12 17.60 -44.99 9.27
C GLY D 12 17.81 -44.14 8.03
N VAL D 13 17.01 -43.09 7.82
CA VAL D 13 17.29 -42.13 6.76
C VAL D 13 17.83 -40.85 7.38
N LYS D 14 18.87 -40.28 6.76
CA LYS D 14 19.46 -39.03 7.19
C LYS D 14 19.00 -37.93 6.25
N ALA D 15 18.28 -36.94 6.79
CA ALA D 15 17.63 -35.91 5.99
C ALA D 15 18.27 -34.55 6.29
N LEU D 16 18.56 -33.80 5.24
CA LEU D 16 18.97 -32.40 5.34
C LEU D 16 17.83 -31.55 4.78
N VAL D 17 17.29 -30.66 5.60
CA VAL D 17 16.19 -29.78 5.17
C VAL D 17 16.65 -28.33 5.25
N THR D 18 16.26 -27.51 4.28
CA THR D 18 16.45 -26.08 4.38
C THR D 18 15.07 -25.43 4.46
N ALA D 19 14.97 -24.35 5.24
CA ALA D 19 13.70 -23.66 5.40
C ALA D 19 13.95 -22.19 5.69
N GLY D 20 12.94 -21.38 5.37
CA GLY D 20 12.97 -19.95 5.63
C GLY D 20 13.48 -19.16 4.44
N GLY D 21 13.37 -17.84 4.55
CA GLY D 21 13.93 -16.95 3.56
C GLY D 21 15.34 -16.55 3.93
N THR D 22 16.13 -16.20 2.92
CA THR D 22 17.45 -15.64 3.19
C THR D 22 17.37 -14.11 3.20
N ARG D 23 18.40 -13.48 3.75
CA ARG D 23 18.50 -12.02 3.75
C ARG D 23 19.84 -11.61 3.14
N GLU D 24 19.76 -10.83 2.07
CA GLU D 24 20.95 -10.37 1.32
C GLU D 24 21.36 -8.98 1.79
N PRO D 25 22.43 -8.87 2.58
CA PRO D 25 22.86 -7.60 3.13
C PRO D 25 23.17 -6.52 2.09
N LEU D 26 22.80 -5.29 2.41
CA LEU D 26 23.10 -4.09 1.60
C LEU D 26 24.25 -3.39 2.31
N ASP D 27 24.15 -3.39 3.62
CA ASP D 27 25.14 -2.87 4.59
C ASP D 27 24.94 -3.65 5.89
N PRO D 28 25.52 -3.24 7.02
CA PRO D 28 25.30 -3.97 8.25
C PRO D 28 23.85 -4.00 8.78
N VAL D 29 23.02 -3.02 8.41
CA VAL D 29 21.65 -2.92 8.96
C VAL D 29 20.54 -3.15 7.91
N ARG D 30 20.81 -3.03 6.61
CA ARG D 30 19.76 -3.18 5.62
C ARG D 30 19.98 -4.47 4.83
N PHE D 31 18.88 -4.99 4.25
CA PHE D 31 18.98 -6.23 3.47
C PHE D 31 17.79 -6.34 2.53
N ILE D 32 17.93 -7.21 1.54
CA ILE D 32 16.80 -7.67 0.74
C ILE D 32 16.32 -8.98 1.35
N GLY D 33 15.02 -9.08 1.61
CA GLY D 33 14.47 -10.28 2.20
C GLY D 33 13.18 -10.68 1.51
N ASN D 34 12.55 -11.72 2.04
CA ASN D 34 11.26 -12.14 1.51
C ASN D 34 10.36 -12.58 2.66
N ARG D 35 9.10 -12.84 2.33
CA ARG D 35 8.07 -13.04 3.33
C ARG D 35 7.86 -14.50 3.73
N SER D 36 8.70 -15.40 3.22
CA SER D 36 8.62 -16.81 3.61
C SER D 36 8.73 -16.96 5.13
N SER D 37 7.79 -17.72 5.69
CA SER D 37 7.76 -17.97 7.13
C SER D 37 8.69 -19.10 7.55
N GLY D 38 9.05 -19.99 6.63
CA GLY D 38 9.74 -21.21 6.98
C GLY D 38 8.84 -22.29 7.55
N LYS D 39 7.54 -22.04 7.74
CA LYS D 39 6.72 -23.03 8.43
C LYS D 39 6.59 -24.33 7.64
N GLN D 40 6.57 -24.26 6.30
CA GLN D 40 6.43 -25.49 5.53
C GLN D 40 7.70 -26.33 5.60
N GLY D 41 8.87 -25.70 5.50
CA GLY D 41 10.11 -26.44 5.67
C GLY D 41 10.25 -27.06 7.05
N TYR D 42 9.93 -26.28 8.10
CA TYR D 42 9.97 -26.84 9.46
C TYR D 42 9.00 -28.00 9.62
N ALA D 43 7.80 -27.90 9.04
CA ALA D 43 6.84 -28.99 9.18
C ALA D 43 7.36 -30.26 8.52
N VAL D 44 8.06 -30.13 7.39
CA VAL D 44 8.60 -31.32 6.75
C VAL D 44 9.72 -31.93 7.61
N ALA D 45 10.60 -31.09 8.15
CA ALA D 45 11.61 -31.58 9.11
C ALA D 45 10.95 -32.29 10.28
N ARG D 46 9.88 -31.69 10.82
CA ARG D 46 9.25 -32.23 12.01
C ARG D 46 8.58 -33.56 11.69
N VAL D 47 7.95 -33.66 10.51
CA VAL D 47 7.31 -34.91 10.13
C VAL D 47 8.36 -35.98 9.83
N LEU D 48 9.47 -35.60 9.18
CA LEU D 48 10.54 -36.57 8.98
C LEU D 48 11.05 -37.12 10.31
N ALA D 49 11.24 -36.25 11.31
CA ALA D 49 11.79 -36.70 12.58
C ALA D 49 10.79 -37.56 13.33
N GLN D 50 9.50 -37.20 13.27
CA GLN D 50 8.47 -37.99 13.93
C GLN D 50 8.40 -39.40 13.36
N ARG D 51 8.80 -39.59 12.11
CA ARG D 51 8.69 -40.89 11.48
C ARG D 51 10.03 -41.65 11.44
N GLY D 52 11.03 -41.17 12.17
CA GLY D 52 12.24 -41.95 12.40
C GLY D 52 13.51 -41.39 11.78
N ALA D 53 13.44 -40.31 11.02
CA ALA D 53 14.68 -39.83 10.35
C ALA D 53 15.62 -39.06 11.27
N ASP D 54 16.91 -39.11 10.96
CA ASP D 54 17.94 -38.28 11.63
C ASP D 54 17.92 -36.97 10.84
N VAL D 55 17.39 -35.90 11.39
CA VAL D 55 17.16 -34.67 10.60
C VAL D 55 18.08 -33.52 10.97
N THR D 56 18.64 -32.88 9.97
CA THR D 56 19.39 -31.63 10.12
C THR D 56 18.60 -30.54 9.41
N LEU D 57 18.37 -29.41 10.08
CA LEU D 57 17.55 -28.31 9.53
C LEU D 57 18.40 -27.04 9.41
N ILE D 58 18.66 -26.61 8.18
CA ILE D 58 19.30 -25.32 7.94
C ILE D 58 18.22 -24.26 7.79
N ALA D 59 18.19 -23.31 8.67
CA ALA D 59 17.16 -22.30 8.69
C ALA D 59 17.60 -20.89 8.47
N GLY D 60 16.87 -20.23 7.62
CA GLY D 60 17.12 -18.85 7.31
C GLY D 60 16.43 -17.93 8.29
N ASN D 61 15.61 -17.03 7.78
CA ASN D 61 14.94 -16.01 8.64
C ASN D 61 13.74 -16.66 9.36
N THR D 62 13.99 -17.35 10.46
CA THR D 62 12.89 -18.07 11.16
C THR D 62 13.06 -17.97 12.68
N ALA D 63 13.45 -16.80 13.18
CA ALA D 63 13.63 -16.57 14.64
C ALA D 63 12.32 -16.71 15.44
N GLY D 64 11.15 -16.60 14.81
CA GLY D 64 9.85 -16.82 15.45
C GLY D 64 9.46 -18.29 15.57
N LEU D 65 9.99 -19.20 14.74
CA LEU D 65 9.58 -20.59 14.83
C LEU D 65 10.42 -21.34 15.87
N ILE D 66 9.79 -22.32 16.50
CA ILE D 66 10.42 -23.14 17.53
C ILE D 66 11.24 -24.25 16.86
N ASP D 67 12.42 -24.53 17.39
CA ASP D 67 13.20 -25.66 16.88
C ASP D 67 12.36 -26.93 17.02
N PRO D 68 12.15 -27.69 15.95
CA PRO D 68 11.37 -28.94 16.08
C PRO D 68 12.13 -29.97 16.91
N ALA D 69 11.39 -30.74 17.71
CA ALA D 69 12.02 -31.71 18.60
C ALA D 69 12.69 -32.81 17.78
N GLY D 70 13.86 -33.24 18.26
CA GLY D 70 14.62 -34.27 17.58
C GLY D 70 15.46 -33.81 16.40
N VAL D 71 15.45 -32.52 16.06
CA VAL D 71 16.09 -32.03 14.83
C VAL D 71 17.33 -31.22 15.21
N GLU D 72 18.39 -31.37 14.43
CA GLU D 72 19.64 -30.63 14.64
C GLU D 72 19.61 -29.36 13.80
N MET D 73 19.90 -28.22 14.43
CA MET D 73 19.63 -26.91 13.83
C MET D 73 20.94 -26.30 13.34
N VAL D 74 20.92 -25.77 12.12
CA VAL D 74 21.98 -24.90 11.61
C VAL D 74 21.32 -23.60 11.15
N HIS D 75 21.85 -22.48 11.62
CA HIS D 75 21.32 -21.13 11.30
C HIS D 75 22.21 -20.39 10.31
N ILE D 76 21.59 -19.79 9.29
CA ILE D 76 22.31 -19.04 8.24
C ILE D 76 21.58 -17.73 7.95
N GLY D 77 22.30 -16.76 7.39
CA GLY D 77 21.69 -15.47 7.06
C GLY D 77 21.44 -15.30 5.57
N SER D 78 22.50 -15.25 4.78
CA SER D 78 22.36 -15.01 3.33
C SER D 78 22.28 -16.30 2.52
N ALA D 79 21.95 -16.13 1.25
CA ALA D 79 21.91 -17.24 0.30
C ALA D 79 23.28 -17.89 0.14
N THR D 80 24.36 -17.10 0.23
CA THR D 80 25.71 -17.66 0.12
C THR D 80 26.08 -18.46 1.36
N GLN D 81 25.65 -18.01 2.54
CA GLN D 81 25.83 -18.79 3.75
C GLN D 81 25.00 -20.07 3.72
N LEU D 82 23.80 -20.02 3.13
CA LEU D 82 23.04 -21.25 2.95
C LEU D 82 23.78 -22.20 2.02
N ARG D 83 24.34 -21.69 0.93
CA ARG D 83 25.12 -22.51 0.01
C ARG D 83 26.26 -23.24 0.73
N ASP D 84 27.03 -22.53 1.55
CA ASP D 84 28.14 -23.23 2.22
C ASP D 84 27.62 -24.19 3.28
N ALA D 85 26.49 -23.88 3.91
CA ALA D 85 25.95 -24.83 4.90
C ALA D 85 25.47 -26.10 4.21
N VAL D 86 24.81 -25.98 3.07
CA VAL D 86 24.37 -27.18 2.36
C VAL D 86 25.57 -28.00 1.89
N SER D 87 26.61 -27.34 1.35
CA SER D 87 27.74 -28.12 0.84
C SER D 87 28.53 -28.77 1.96
N LYS D 88 28.58 -28.13 3.14
CA LYS D 88 29.20 -28.76 4.31
C LYS D 88 28.37 -29.95 4.81
N HIS D 89 27.03 -29.86 4.78
CA HIS D 89 26.22 -30.90 5.42
C HIS D 89 25.67 -31.95 4.47
N ALA D 90 25.53 -31.65 3.17
CA ALA D 90 25.01 -32.64 2.24
C ALA D 90 25.77 -33.96 2.17
N PRO D 91 27.10 -34.03 2.36
CA PRO D 91 27.77 -35.34 2.33
C PRO D 91 27.23 -36.34 3.34
N ASP D 92 26.52 -35.89 4.39
CA ASP D 92 26.00 -36.79 5.41
C ASP D 92 24.60 -37.30 5.11
N ALA D 93 23.87 -36.69 4.19
CA ALA D 93 22.44 -36.90 4.03
C ALA D 93 22.12 -37.97 3.00
N ASN D 94 21.02 -38.70 3.24
CA ASN D 94 20.41 -39.51 2.20
C ASN D 94 19.34 -38.75 1.43
N VAL D 95 18.79 -37.70 2.04
CA VAL D 95 17.70 -36.92 1.44
C VAL D 95 17.98 -35.46 1.72
N LEU D 96 17.88 -34.64 0.67
CA LEU D 96 17.96 -33.18 0.76
C LEU D 96 16.64 -32.60 0.28
N VAL D 97 15.95 -31.84 1.12
CA VAL D 97 14.74 -31.16 0.69
C VAL D 97 14.96 -29.65 0.81
N MET D 98 14.98 -28.98 -0.35
CA MET D 98 15.29 -27.55 -0.45
C MET D 98 13.98 -26.79 -0.39
N ALA D 99 13.48 -26.60 0.82
CA ALA D 99 12.26 -25.83 1.01
C ALA D 99 12.53 -24.36 1.27
N ALA D 100 13.79 -23.92 1.30
CA ALA D 100 14.08 -22.52 1.62
C ALA D 100 13.76 -21.59 0.45
N ALA D 101 13.30 -20.38 0.80
CA ALA D 101 13.04 -19.31 -0.17
C ALA D 101 14.35 -18.57 -0.37
N VAL D 102 15.22 -19.13 -1.20
CA VAL D 102 16.57 -18.63 -1.39
C VAL D 102 16.53 -17.43 -2.33
N ALA D 103 17.16 -16.33 -1.92
CA ALA D 103 17.19 -15.13 -2.77
C ALA D 103 17.87 -15.40 -4.10
N ASP D 104 17.25 -14.96 -5.19
CA ASP D 104 17.85 -15.17 -6.51
C ASP D 104 19.06 -14.27 -6.72
N PHE D 105 19.02 -13.05 -6.20
CA PHE D 105 20.09 -12.08 -6.39
C PHE D 105 20.51 -11.52 -5.04
N ARG D 106 21.67 -10.86 -5.02
CA ARG D 106 22.16 -10.16 -3.84
C ARG D 106 22.75 -8.84 -4.31
N PRO D 107 22.81 -7.85 -3.41
CA PRO D 107 23.55 -6.63 -3.78
C PRO D 107 24.98 -7.00 -4.15
N ALA D 108 25.48 -6.43 -5.24
CA ALA D 108 26.80 -6.80 -5.74
C ALA D 108 27.92 -6.39 -4.78
N HIS D 109 27.71 -5.33 -4.00
CA HIS D 109 28.78 -4.79 -3.16
C HIS D 109 28.20 -4.42 -1.80
N VAL D 110 28.45 -5.24 -0.78
CA VAL D 110 27.95 -4.93 0.56
C VAL D 110 28.81 -3.83 1.15
N ALA D 111 28.17 -2.81 1.72
CA ALA D 111 28.92 -1.74 2.36
C ALA D 111 29.34 -2.16 3.76
N ALA D 112 30.57 -1.77 4.14
CA ALA D 112 31.07 -2.11 5.46
C ALA D 112 30.40 -1.29 6.54
N ALA D 113 30.02 -0.05 6.24
CA ALA D 113 29.33 0.82 7.18
C ALA D 113 27.93 1.10 6.65
N LYS D 114 27.06 1.59 7.54
CA LYS D 114 25.71 1.94 7.11
C LYS D 114 25.77 3.04 6.07
N ILE D 115 25.05 2.85 4.96
CA ILE D 115 25.01 3.87 3.90
C ILE D 115 24.22 5.07 4.40
N LYS D 116 24.88 6.23 4.45
CA LYS D 116 24.21 7.49 4.71
C LYS D 116 23.61 8.03 3.41
N LYS D 117 22.43 8.60 3.51
CA LYS D 117 21.85 9.26 2.35
C LYS D 117 22.36 10.69 2.29
N GLY D 118 22.56 11.18 1.06
CA GLY D 118 22.80 12.57 0.81
C GLY D 118 21.61 13.11 0.06
N ALA D 119 21.81 14.13 -0.77
CA ALA D 119 20.80 14.59 -1.70
C ALA D 119 20.91 13.79 -2.98
N SER D 120 19.82 13.14 -3.38
CA SER D 120 19.68 12.33 -4.59
C SER D 120 20.51 11.05 -4.57
N GLU D 121 21.26 10.77 -3.51
CA GLU D 121 22.01 9.51 -3.42
C GLU D 121 21.67 8.72 -2.15
N PRO D 122 21.66 7.38 -2.26
CA PRO D 122 21.81 6.66 -3.52
C PRO D 122 20.53 6.69 -4.38
N SER D 123 20.54 5.94 -5.47
CA SER D 123 19.34 5.84 -6.28
C SER D 123 19.24 4.49 -6.97
N SER D 124 20.16 3.57 -6.72
CA SER D 124 20.23 2.29 -7.44
C SER D 124 20.94 1.27 -6.57
N ILE D 125 20.52 0.01 -6.68
CA ILE D 125 21.20 -1.13 -6.09
C ILE D 125 21.59 -2.06 -7.23
N ASP D 126 22.89 -2.26 -7.42
CA ASP D 126 23.35 -3.24 -8.40
C ASP D 126 23.28 -4.64 -7.80
N LEU D 127 22.78 -5.60 -8.59
CA LEU D 127 22.59 -6.96 -8.12
C LEU D 127 23.45 -7.94 -8.91
N VAL D 128 23.84 -9.02 -8.24
CA VAL D 128 24.41 -10.18 -8.92
C VAL D 128 23.61 -11.41 -8.52
N ARG D 129 23.58 -12.40 -9.40
CA ARG D 129 22.80 -13.59 -9.15
C ARG D 129 23.49 -14.46 -8.09
N ASN D 130 22.69 -15.06 -7.20
CA ASN D 130 23.22 -15.99 -6.22
C ASN D 130 23.36 -17.37 -6.86
N ASP D 131 24.34 -18.13 -6.37
CA ASP D 131 24.50 -19.51 -6.82
C ASP D 131 23.22 -20.28 -6.55
N ASP D 132 22.84 -21.12 -7.49
CA ASP D 132 21.68 -22.02 -7.35
C ASP D 132 22.14 -23.22 -6.52
N VAL D 133 21.72 -23.25 -5.25
CA VAL D 133 22.22 -24.27 -4.33
C VAL D 133 21.64 -25.63 -4.67
N LEU D 134 20.33 -25.69 -4.96
CA LEU D 134 19.70 -26.91 -5.41
C LEU D 134 20.44 -27.50 -6.59
N ALA D 135 20.67 -26.70 -7.64
CA ALA D 135 21.37 -27.21 -8.82
C ALA D 135 22.81 -27.59 -8.49
N GLY D 136 23.45 -26.85 -7.58
CA GLY D 136 24.77 -27.24 -7.10
C GLY D 136 24.79 -28.63 -6.49
N ALA D 137 23.79 -28.95 -5.66
CA ALA D 137 23.76 -30.27 -5.05
C ALA D 137 23.52 -31.35 -6.10
N VAL D 138 22.63 -31.10 -7.08
CA VAL D 138 22.41 -32.06 -8.16
C VAL D 138 23.69 -32.26 -8.96
N ARG D 139 24.35 -31.16 -9.33
CA ARG D 139 25.62 -31.25 -10.06
C ARG D 139 26.66 -32.01 -9.23
N ALA D 140 26.72 -31.75 -7.92
CA ALA D 140 27.66 -32.47 -7.07
C ALA D 140 27.41 -33.97 -7.11
N ARG D 141 26.15 -34.39 -7.02
CA ARG D 141 25.82 -35.80 -7.02
C ARG D 141 26.14 -36.44 -8.37
N ALA D 142 25.82 -35.75 -9.46
CA ALA D 142 26.11 -36.31 -10.77
C ALA D 142 27.60 -36.51 -11.00
N ASP D 143 28.46 -35.83 -10.25
CA ASP D 143 29.90 -35.96 -10.38
C ASP D 143 30.49 -36.99 -9.42
N GLY D 144 29.65 -37.74 -8.70
CA GLY D 144 30.13 -38.73 -7.76
C GLY D 144 30.52 -38.19 -6.41
N GLN D 145 30.15 -36.96 -6.08
CA GLN D 145 30.59 -36.35 -4.84
C GLN D 145 29.64 -36.61 -3.67
N LEU D 146 28.44 -37.13 -3.91
CA LEU D 146 27.48 -37.40 -2.83
C LEU D 146 26.91 -38.81 -2.97
N PRO D 147 27.73 -39.83 -2.73
CA PRO D 147 27.24 -41.21 -2.88
C PRO D 147 26.15 -41.58 -1.90
N ASN D 148 26.04 -40.90 -0.75
CA ASN D 148 24.95 -41.22 0.18
C ASN D 148 23.60 -40.68 -0.27
N MET D 149 23.60 -39.73 -1.19
CA MET D 149 22.35 -39.02 -1.52
C MET D 149 21.46 -39.94 -2.35
N ARG D 150 20.22 -40.12 -1.91
CA ARG D 150 19.29 -40.94 -2.66
C ARG D 150 18.09 -40.16 -3.21
N ALA D 151 17.77 -39.00 -2.65
CA ALA D 151 16.62 -38.24 -3.13
C ALA D 151 16.90 -36.76 -2.92
N ILE D 152 16.72 -35.96 -3.98
CA ILE D 152 16.85 -34.51 -3.88
C ILE D 152 15.51 -33.91 -4.22
N VAL D 153 15.00 -33.06 -3.31
CA VAL D 153 13.64 -32.55 -3.38
C VAL D 153 13.68 -31.03 -3.49
N GLY D 154 13.12 -30.49 -4.56
CA GLY D 154 13.04 -29.05 -4.68
C GLY D 154 11.63 -28.55 -4.46
N PHE D 155 11.47 -27.26 -4.18
CA PHE D 155 10.17 -26.62 -4.04
C PHE D 155 10.05 -25.52 -5.09
N ALA D 156 8.85 -25.31 -5.61
CA ALA D 156 8.68 -24.25 -6.60
C ALA D 156 7.32 -23.60 -6.40
N ALA D 157 7.26 -22.30 -6.70
CA ALA D 157 6.01 -21.55 -6.75
C ALA D 157 5.80 -21.05 -8.16
N GLU D 158 4.69 -21.42 -8.78
CA GLU D 158 4.44 -21.05 -10.17
C GLU D 158 2.96 -20.71 -10.36
N THR D 159 2.69 -19.85 -11.35
CA THR D 159 1.35 -19.29 -11.54
C THR D 159 0.87 -19.36 -12.98
N GLY D 160 1.79 -19.24 -13.93
CA GLY D 160 1.40 -19.09 -15.33
C GLY D 160 0.88 -17.70 -15.62
N GLY D 164 2.52 -20.02 -20.65
CA GLY D 164 2.18 -21.37 -20.25
C GLY D 164 1.60 -21.46 -18.85
N ASP D 165 0.91 -22.55 -18.55
CA ASP D 165 0.19 -22.70 -17.29
C ASP D 165 1.13 -23.25 -16.22
N VAL D 166 0.59 -23.71 -15.09
CA VAL D 166 1.45 -24.04 -13.96
C VAL D 166 2.21 -25.35 -14.21
N LEU D 167 1.56 -26.36 -14.79
CA LEU D 167 2.25 -27.63 -15.02
C LEU D 167 3.33 -27.48 -16.10
N PHE D 168 3.08 -26.66 -17.12
CA PHE D 168 4.12 -26.40 -18.12
C PHE D 168 5.39 -25.85 -17.48
N HIS D 169 5.26 -24.82 -16.65
CA HIS D 169 6.42 -24.18 -16.06
C HIS D 169 7.10 -25.08 -15.02
N ALA D 170 6.32 -25.93 -14.34
CA ALA D 170 6.85 -26.72 -13.23
C ALA D 170 7.63 -27.93 -13.73
N ARG D 171 7.10 -28.61 -14.75
CA ARG D 171 7.84 -29.70 -15.37
C ARG D 171 9.16 -29.20 -15.95
N ALA D 172 9.11 -28.07 -16.67
CA ALA D 172 10.33 -27.46 -17.18
C ALA D 172 11.28 -27.06 -16.06
N LYS D 173 10.72 -26.67 -14.92
CA LYS D 173 11.60 -26.34 -13.78
C LYS D 173 12.22 -27.64 -13.27
N LEU D 174 11.45 -28.74 -13.28
CA LEU D 174 11.95 -30.01 -12.78
C LEU D 174 13.12 -30.52 -13.62
N GLU D 175 12.99 -30.46 -14.95
CA GLU D 175 14.10 -30.95 -15.77
C GLU D 175 15.28 -30.01 -15.74
N ARG D 176 15.03 -28.70 -15.63
CA ARG D 176 16.13 -27.75 -15.56
C ARG D 176 16.94 -27.92 -14.29
N LYS D 177 16.27 -28.21 -13.16
CA LYS D 177 16.94 -28.35 -11.87
C LYS D 177 17.59 -29.73 -11.72
N GLY D 178 16.97 -30.77 -12.27
CA GLY D 178 17.56 -32.09 -12.22
C GLY D 178 17.41 -32.83 -10.92
N CYS D 179 16.47 -32.42 -10.05
CA CYS D 179 16.23 -33.12 -8.79
C CYS D 179 15.30 -34.31 -9.01
N ASP D 180 15.02 -35.05 -7.93
CA ASP D 180 14.18 -36.25 -8.00
C ASP D 180 12.69 -35.95 -7.80
N LEU D 181 12.35 -34.95 -6.98
CA LEU D 181 10.96 -34.58 -6.78
C LEU D 181 10.85 -33.07 -6.76
N LEU D 182 9.69 -32.55 -7.18
CA LEU D 182 9.41 -31.14 -7.14
C LEU D 182 8.06 -30.89 -6.48
N VAL D 183 8.06 -30.19 -5.35
CA VAL D 183 6.83 -29.82 -4.65
C VAL D 183 6.41 -28.45 -5.17
N VAL D 184 5.27 -28.40 -5.83
CA VAL D 184 4.84 -27.22 -6.58
C VAL D 184 3.69 -26.54 -5.84
N ASN D 185 3.87 -25.26 -5.51
CA ASN D 185 2.84 -24.45 -4.87
C ASN D 185 2.38 -25.06 -3.55
N ALA D 186 3.34 -25.39 -2.70
CA ALA D 186 3.06 -25.73 -1.32
C ALA D 186 3.20 -24.50 -0.43
N VAL D 187 2.41 -23.48 -0.77
CA VAL D 187 2.36 -22.22 -0.04
C VAL D 187 0.96 -22.08 0.55
N GLY D 188 0.79 -21.04 1.37
CA GLY D 188 -0.47 -20.84 2.07
C GLY D 188 -0.68 -21.83 3.19
N GLU D 189 -1.65 -21.57 4.06
CA GLU D 189 -1.91 -22.44 5.20
C GLU D 189 -3.38 -22.84 5.27
N ASN D 190 -4.08 -22.82 4.12
CA ASN D 190 -5.53 -22.94 4.08
C ASN D 190 -6.15 -21.94 5.06
N ARG D 191 -5.71 -20.70 4.94
CA ARG D 191 -6.08 -19.61 5.83
C ARG D 191 -7.28 -18.83 5.28
N ALA D 192 -8.05 -18.22 6.19
CA ALA D 192 -9.21 -17.43 5.81
C ALA D 192 -8.78 -16.28 4.90
N PHE D 193 -9.51 -16.13 3.78
CA PHE D 193 -9.28 -15.09 2.78
C PHE D 193 -8.00 -15.32 1.97
N GLU D 194 -7.45 -16.52 2.02
CA GLU D 194 -6.47 -16.99 1.03
C GLU D 194 -7.20 -17.83 0.00
N VAL D 195 -6.94 -17.58 -1.27
CA VAL D 195 -7.60 -18.29 -2.35
C VAL D 195 -6.86 -19.58 -2.64
N ASP D 196 -7.62 -20.66 -2.86
CA ASP D 196 -7.07 -21.96 -3.23
C ASP D 196 -7.08 -22.11 -4.75
N ASP D 199 -3.99 -25.91 -7.37
CA ASP D 199 -2.88 -25.92 -8.32
C ASP D 199 -1.58 -26.44 -7.70
N GLY D 200 -1.70 -27.17 -6.59
CA GLY D 200 -0.53 -27.74 -5.93
C GLY D 200 -0.27 -29.16 -6.40
N TRP D 201 1.01 -29.48 -6.62
CA TRP D 201 1.37 -30.76 -7.20
C TRP D 201 2.66 -31.29 -6.61
N LEU D 202 2.80 -32.61 -6.68
CA LEU D 202 4.08 -33.30 -6.46
C LEU D 202 4.49 -33.90 -7.80
N LEU D 203 5.64 -33.45 -8.32
CA LEU D 203 6.15 -33.95 -9.58
C LEU D 203 7.37 -34.81 -9.33
N SER D 204 7.41 -35.99 -9.95
CA SER D 204 8.54 -36.89 -9.85
C SER D 204 9.23 -36.98 -11.21
N ALA D 205 10.54 -37.19 -11.17
CA ALA D 205 11.35 -37.20 -12.38
C ALA D 205 11.00 -38.42 -13.26
N ASP D 206 10.10 -39.28 -12.77
CA ASP D 206 9.61 -40.42 -13.54
C ASP D 206 8.43 -40.07 -14.44
N GLY D 207 7.71 -38.98 -14.16
CA GLY D 207 6.47 -38.67 -14.84
C GLY D 207 5.25 -38.79 -13.96
N THR D 208 5.39 -39.28 -12.73
CA THR D 208 4.27 -39.35 -11.79
C THR D 208 3.92 -37.95 -11.30
N GLU D 209 2.79 -37.44 -11.77
CA GLU D 209 2.24 -36.17 -11.29
C GLU D 209 1.11 -36.50 -10.33
N SER D 210 1.32 -36.22 -9.04
CA SER D 210 0.31 -36.40 -8.02
C SER D 210 -0.19 -35.05 -7.55
N ALA D 211 -1.50 -34.87 -7.54
CA ALA D 211 -2.09 -33.63 -7.05
C ALA D 211 -1.89 -33.49 -5.55
N LEU D 212 -1.48 -32.30 -5.12
CA LEU D 212 -1.23 -31.99 -3.72
C LEU D 212 -2.33 -31.05 -3.25
N GLU D 213 -3.24 -31.56 -2.42
CA GLU D 213 -4.33 -30.74 -1.92
C GLU D 213 -3.82 -29.68 -0.97
N HIS D 214 -4.44 -28.50 -1.01
CA HIS D 214 -4.06 -27.40 -0.13
C HIS D 214 -4.78 -27.56 1.20
N GLY D 215 -4.01 -27.64 2.27
CA GLY D 215 -4.55 -27.82 3.60
C GLY D 215 -3.60 -27.20 4.58
N SER D 216 -3.55 -27.75 5.78
CA SER D 216 -2.62 -27.27 6.78
C SER D 216 -1.18 -27.60 6.36
N LYS D 217 -0.25 -26.79 6.87
CA LYS D 217 1.16 -27.07 6.66
C LYS D 217 1.52 -28.49 7.09
N THR D 218 0.88 -28.98 8.16
CA THR D 218 1.19 -30.32 8.64
C THR D 218 0.69 -31.40 7.68
N LEU D 219 -0.53 -31.24 7.14
CA LEU D 219 -1.02 -32.24 6.20
C LEU D 219 -0.16 -32.25 4.93
N MET D 220 0.20 -31.06 4.41
CA MET D 220 1.06 -31.01 3.23
C MET D 220 2.41 -31.66 3.48
N ALA D 221 2.99 -31.48 4.67
CA ALA D 221 4.26 -32.11 4.98
C ALA D 221 4.14 -33.63 5.01
N THR D 222 3.00 -34.14 5.51
CA THR D 222 2.79 -35.58 5.53
C THR D 222 2.78 -36.17 4.12
N ARG D 223 2.09 -35.50 3.18
CA ARG D 223 2.11 -35.97 1.80
C ARG D 223 3.46 -35.79 1.15
N ILE D 224 4.21 -34.74 1.53
CA ILE D 224 5.55 -34.61 0.98
C ILE D 224 6.43 -35.76 1.47
N VAL D 225 6.35 -36.09 2.75
CA VAL D 225 7.18 -37.16 3.29
C VAL D 225 6.71 -38.52 2.78
N ASP D 226 5.39 -38.69 2.62
CA ASP D 226 4.87 -39.88 1.94
C ASP D 226 5.53 -40.07 0.57
N SER D 227 5.58 -39.00 -0.22
CA SER D 227 6.18 -39.09 -1.55
C SER D 227 7.66 -39.49 -1.46
N ILE D 228 8.41 -38.82 -0.59
CA ILE D 228 9.81 -39.17 -0.37
C ILE D 228 9.92 -40.64 0.01
N ALA D 229 9.07 -41.10 0.93
CA ALA D 229 9.09 -42.49 1.36
C ALA D 229 8.86 -43.44 0.19
N ALA D 230 7.83 -43.17 -0.62
CA ALA D 230 7.54 -44.03 -1.76
C ALA D 230 8.71 -44.05 -2.74
N PHE D 231 9.36 -42.90 -2.93
CA PHE D 231 10.44 -42.82 -3.90
C PHE D 231 11.66 -43.63 -3.45
N LEU D 232 11.99 -43.57 -2.15
CA LEU D 232 13.09 -44.37 -1.63
C LEU D 232 12.79 -45.87 -1.68
N LYS D 233 11.55 -46.23 -1.35
CA LYS D 233 11.11 -47.63 -1.38
C LYS D 233 11.39 -48.27 -2.74
N SER D 234 11.05 -47.58 -3.82
CA SER D 234 11.14 -48.10 -5.18
C SER D 234 12.58 -48.33 -5.66
N GLN D 235 13.58 -48.00 -4.85
CA GLN D 235 14.96 -48.20 -5.25
C GLN D 235 15.59 -49.34 -4.46
#